data_2JHR
#
_entry.id   2JHR
#
_cell.length_a   89.758
_cell.length_b   150.464
_cell.length_c   154.550
_cell.angle_alpha   90.00
_cell.angle_beta   90.00
_cell.angle_gamma   90.00
#
_symmetry.space_group_name_H-M   'C 2 2 21'
#
loop_
_entity.id
_entity.type
_entity.pdbx_description
1 polymer 'MYOSIN-2 HEAVY CHAIN'
2 non-polymer 'ADP METAVANADATE'
3 non-polymer 'MAGNESIUM ION'
4 non-polymer PENTABROMOPSEUDILIN
5 water water
#
_entity_poly.entity_id   1
_entity_poly.type   'polypeptide(L)'
_entity_poly.pdbx_seq_one_letter_code
;MHHHHHHHDGTENPIHDRTSDYHKYLKVKQGDSDLFKLTVSDKRYIWYNPDPKERDSYECGEIVSETSDSFTFKTVDGQD
RQVKKDDANQRNPIKFDGVEDMSELSYLNEPAVFHNLRVRYNQDLIYTYSGLFLVAVNPFKRIPIYTQEMVDIFKGRRRN
EVAPHIFAISDVAYRSMLDDRQNQSLLITGESGAGKTENTKKVIQYLASVAGRNQANGSGVLEQQILQANPILEAFGNAK
TTRNNNSSRFGKFIEIQFNSAGFISGASIQSYLLEKSRVVFQSETERNYHIFYQLLAGATAEEKKALHLAGPESFNYLNQ
SGCVDIKGVSDSEEFKITRQAMDIVGFSQEEQMSIFKIIAGILHLGNIKFEKGAGEGAVLKDKTALNAASTVFGVNPSVL
EKALMEPRILAGRDLVAQHLNVEKSSSSRDALVKALYGRLFLWLVKKINNVLCQERKAYFIGVLDISGFEIFKVNSFEQL
CINYTNEKLQQFFNHHMFKLEQEEYLKEKINWTFIDFGLDSQATIDLIDGRQPPGILALLDEQSVFPNATDNTLITKLHS
HFSKKNAKYEEPRFSKTEFGVTHYAGQVMYEIQDWLEKNKDPLQQDLELCFKDSSDNVVTKLFNDPNIASRAKKGANFIT
VAAQYKEQLASLMATLETTNPHFVRCIIPNNKQLPAKLEDKVVLDQLRCNGVLEGIRITRKGFPNRIIYADFVKRYYLLA
PNVPRDAEDSQKATDAVLKHLNIDPEQYRFGITKIFFRAGQLARIEEAREQRLESNEPPMDFDDDIPF
;
_entity_poly.pdbx_strand_id   A
#
loop_
_chem_comp.id
_chem_comp.type
_chem_comp.name
_chem_comp.formula
AD9 non-polymer 'ADP METAVANADATE' 'C10 H16 N5 O13 P2 V'
MG non-polymer 'MAGNESIUM ION' 'Mg 2'
PBQ non-polymer PENTABROMOPSEUDILIN 'C10 H4 Br5 N O'
#
# COMPACT_ATOMS: atom_id res chain seq x y z
N ASN A 13 18.02 4.02 -30.78
CA ASN A 13 17.04 3.56 -29.72
C ASN A 13 17.80 3.07 -28.48
N PRO A 14 17.57 3.71 -27.31
CA PRO A 14 18.21 3.39 -26.03
C PRO A 14 17.91 1.95 -25.61
N ILE A 15 16.69 1.49 -25.89
CA ILE A 15 16.32 0.13 -25.55
C ILE A 15 17.39 -0.82 -26.06
N HIS A 16 17.85 -0.59 -27.29
CA HIS A 16 18.85 -1.46 -27.87
C HIS A 16 20.28 -1.01 -27.80
N ASP A 17 20.52 0.26 -27.52
CA ASP A 17 21.91 0.68 -27.36
C ASP A 17 22.38 0.15 -26.01
N ARG A 18 23.27 -0.84 -26.02
CA ARG A 18 23.79 -1.40 -24.79
C ARG A 18 24.82 -0.43 -24.20
N THR A 19 24.43 0.84 -24.13
CA THR A 19 25.29 1.89 -23.59
C THR A 19 24.48 2.89 -22.80
N SER A 20 23.19 2.96 -23.13
CA SER A 20 22.26 3.88 -22.49
C SER A 20 22.06 3.69 -20.98
N ASP A 21 21.66 4.75 -20.29
CA ASP A 21 21.45 4.63 -18.85
C ASP A 21 20.44 3.49 -18.67
N TYR A 22 19.55 3.35 -19.65
CA TYR A 22 18.52 2.30 -19.63
C TYR A 22 19.17 0.94 -19.49
N HIS A 23 20.19 0.71 -20.30
CA HIS A 23 20.96 -0.52 -20.26
C HIS A 23 21.85 -0.51 -19.03
N LYS A 24 22.40 0.65 -18.69
CA LYS A 24 23.24 0.73 -17.51
C LYS A 24 22.49 0.50 -16.20
N TYR A 25 21.23 0.93 -16.14
CA TYR A 25 20.45 0.81 -14.92
C TYR A 25 19.27 -0.15 -14.90
N LEU A 26 18.77 -0.60 -16.07
CA LEU A 26 17.62 -1.51 -16.08
C LEU A 26 17.90 -2.93 -16.60
N LYS A 27 19.00 -3.07 -17.31
CA LYS A 27 19.34 -4.37 -17.86
C LYS A 27 20.46 -5.00 -17.07
N VAL A 28 20.51 -6.33 -17.08
CA VAL A 28 21.54 -7.07 -16.37
C VAL A 28 22.85 -7.08 -17.17
N LYS A 29 23.93 -6.73 -16.46
CA LYS A 29 25.28 -6.65 -16.99
C LYS A 29 25.65 -7.87 -17.79
N GLN A 30 26.35 -7.63 -18.88
CA GLN A 30 26.83 -8.67 -19.80
C GLN A 30 27.90 -9.45 -19.04
N GLY A 31 27.89 -10.77 -19.17
CA GLY A 31 28.89 -11.58 -18.48
C GLY A 31 30.22 -11.66 -19.20
N ASP A 32 31.19 -12.29 -18.55
CA ASP A 32 32.51 -12.45 -19.12
C ASP A 32 32.75 -13.89 -19.58
N SER A 33 33.87 -14.10 -20.26
CA SER A 33 34.25 -15.41 -20.79
C SER A 33 34.25 -16.53 -19.74
N ASP A 34 34.68 -16.21 -18.52
CA ASP A 34 34.72 -17.19 -17.44
C ASP A 34 33.28 -17.61 -17.19
N LEU A 35 32.40 -16.62 -17.12
CA LEU A 35 31.00 -16.88 -16.88
C LEU A 35 30.47 -17.78 -17.99
N PHE A 36 30.78 -17.47 -19.25
CA PHE A 36 30.30 -18.29 -20.37
C PHE A 36 30.77 -19.73 -20.21
N LYS A 37 32.06 -19.92 -19.93
CA LYS A 37 32.59 -21.27 -19.75
C LYS A 37 31.72 -21.97 -18.74
N LEU A 38 31.24 -21.22 -17.75
CA LEU A 38 30.42 -21.81 -16.71
C LEU A 38 28.98 -22.05 -17.12
N THR A 39 28.39 -21.06 -17.77
CA THR A 39 27.01 -21.12 -18.26
C THR A 39 26.72 -22.32 -19.17
N VAL A 40 27.76 -22.82 -19.85
CA VAL A 40 27.61 -23.96 -20.76
C VAL A 40 27.99 -25.30 -20.12
N SER A 41 28.43 -25.25 -18.86
CA SER A 41 28.83 -26.44 -18.12
C SER A 41 27.77 -27.53 -18.19
N ASP A 42 28.18 -28.77 -17.95
CA ASP A 42 27.26 -29.89 -17.99
C ASP A 42 26.80 -30.26 -16.58
N LYS A 43 27.38 -29.62 -15.57
CA LYS A 43 27.06 -29.91 -14.18
C LYS A 43 25.65 -29.56 -13.70
N ARG A 44 25.20 -30.26 -12.67
CA ARG A 44 23.88 -30.01 -12.11
C ARG A 44 24.01 -29.72 -10.62
N TYR A 45 23.31 -28.70 -10.15
CA TYR A 45 23.42 -28.33 -8.74
C TYR A 45 22.11 -28.32 -7.97
N ILE A 46 22.20 -28.45 -6.64
CA ILE A 46 21.04 -28.49 -5.77
C ILE A 46 21.12 -27.35 -4.73
N TRP A 47 19.97 -26.83 -4.30
CA TRP A 47 19.94 -25.77 -3.30
C TRP A 47 19.63 -26.48 -1.99
N TYR A 48 20.59 -26.57 -1.08
CA TYR A 48 20.33 -27.30 0.16
C TYR A 48 20.46 -26.51 1.46
N ASN A 49 20.26 -27.21 2.58
CA ASN A 49 20.32 -26.62 3.91
C ASN A 49 21.47 -27.15 4.78
N PRO A 50 22.53 -26.34 4.95
CA PRO A 50 23.67 -26.75 5.76
C PRO A 50 23.25 -27.04 7.20
N ASP A 51 22.19 -26.36 7.64
CA ASP A 51 21.68 -26.58 9.00
C ASP A 51 20.18 -26.67 9.05
N PRO A 52 19.65 -27.89 9.10
CA PRO A 52 18.21 -28.18 9.16
C PRO A 52 17.43 -27.20 10.01
N LYS A 53 18.01 -26.83 11.16
CA LYS A 53 17.37 -25.89 12.08
C LYS A 53 16.96 -24.60 11.39
N GLU A 54 17.83 -24.13 10.49
CA GLU A 54 17.60 -22.89 9.78
C GLU A 54 17.27 -23.15 8.30
N ARG A 55 15.98 -23.35 8.03
CA ARG A 55 15.47 -23.60 6.68
C ARG A 55 15.87 -22.60 5.59
N ASP A 56 15.77 -21.31 5.90
CA ASP A 56 16.05 -20.25 4.95
C ASP A 56 17.49 -19.89 4.60
N SER A 57 18.46 -20.60 5.19
CA SER A 57 19.88 -20.36 4.87
C SER A 57 20.28 -21.48 3.90
N TYR A 58 20.44 -21.14 2.62
CA TYR A 58 20.76 -22.14 1.62
C TYR A 58 22.16 -22.06 1.05
N GLU A 59 22.64 -23.21 0.58
CA GLU A 59 23.96 -23.34 -0.01
C GLU A 59 23.80 -24.07 -1.33
N CYS A 60 24.64 -23.74 -2.31
CA CYS A 60 24.58 -24.41 -3.61
C CYS A 60 25.50 -25.63 -3.63
N GLY A 61 24.92 -26.81 -3.84
CA GLY A 61 25.71 -28.03 -3.89
C GLY A 61 25.61 -28.74 -5.24
N GLU A 62 26.68 -29.42 -5.66
CA GLU A 62 26.66 -30.13 -6.93
C GLU A 62 26.08 -31.54 -6.82
N ILE A 63 25.15 -31.85 -7.71
CA ILE A 63 24.53 -33.17 -7.74
C ILE A 63 25.55 -34.11 -8.36
N VAL A 64 26.03 -35.02 -7.53
CA VAL A 64 27.07 -35.97 -7.91
C VAL A 64 26.60 -37.27 -8.52
N SER A 65 25.49 -37.82 -8.04
CA SER A 65 24.97 -39.07 -8.57
C SER A 65 23.47 -39.13 -8.28
N GLU A 66 22.80 -40.15 -8.78
CA GLU A 66 21.35 -40.28 -8.52
C GLU A 66 20.78 -41.67 -8.74
N THR A 67 19.50 -41.78 -8.42
CA THR A 67 18.72 -42.99 -8.57
C THR A 67 17.30 -42.56 -8.97
N SER A 68 16.45 -43.55 -9.22
CA SER A 68 15.06 -43.32 -9.64
C SER A 68 14.28 -42.32 -8.79
N ASP A 69 14.57 -42.27 -7.50
CA ASP A 69 13.85 -41.36 -6.62
C ASP A 69 14.75 -40.47 -5.76
N SER A 70 16.06 -40.44 -6.04
CA SER A 70 16.94 -39.59 -5.24
C SER A 70 18.17 -39.02 -5.96
N PHE A 71 18.69 -37.94 -5.38
CA PHE A 71 19.86 -37.25 -5.88
C PHE A 71 20.90 -37.37 -4.76
N THR A 72 22.17 -37.32 -5.11
CA THR A 72 23.19 -37.36 -4.09
C THR A 72 24.14 -36.25 -4.48
N PHE A 73 24.39 -35.31 -3.57
CA PHE A 73 25.30 -34.19 -3.84
C PHE A 73 26.41 -34.02 -2.81
N LYS A 74 27.38 -33.17 -3.13
CA LYS A 74 28.48 -32.89 -2.23
C LYS A 74 28.29 -31.47 -1.70
N THR A 75 28.45 -31.30 -0.40
CA THR A 75 28.29 -29.99 0.24
C THR A 75 29.53 -29.14 0.00
N VAL A 76 29.46 -27.88 0.41
CA VAL A 76 30.57 -26.94 0.25
C VAL A 76 31.84 -27.46 0.92
N ASP A 77 31.69 -28.06 2.11
CA ASP A 77 32.84 -28.59 2.82
C ASP A 77 33.44 -29.79 2.08
N GLY A 78 32.60 -30.73 1.70
CA GLY A 78 33.12 -31.88 0.99
C GLY A 78 32.38 -33.15 1.34
N GLN A 79 31.48 -33.09 2.31
CA GLN A 79 30.70 -34.25 2.70
C GLN A 79 29.52 -34.41 1.74
N ASP A 80 28.99 -35.63 1.62
CA ASP A 80 27.87 -35.89 0.71
C ASP A 80 26.58 -36.37 1.36
N ARG A 81 25.48 -35.74 0.97
CA ARG A 81 24.16 -36.09 1.47
C ARG A 81 23.27 -36.44 0.28
N GLN A 82 22.19 -37.16 0.54
CA GLN A 82 21.25 -37.49 -0.52
C GLN A 82 19.90 -36.91 -0.11
N VAL A 83 18.92 -37.02 -0.99
CA VAL A 83 17.59 -36.50 -0.72
C VAL A 83 16.65 -37.04 -1.78
N LYS A 84 15.45 -37.46 -1.38
CA LYS A 84 14.52 -37.93 -2.37
C LYS A 84 14.26 -36.76 -3.32
N LYS A 85 14.13 -37.09 -4.60
CA LYS A 85 13.90 -36.11 -5.64
C LYS A 85 12.68 -35.20 -5.42
N ASP A 86 11.68 -35.70 -4.68
CA ASP A 86 10.49 -34.91 -4.42
C ASP A 86 10.78 -33.74 -3.48
N ASP A 87 11.69 -33.95 -2.54
CA ASP A 87 12.05 -32.91 -1.59
C ASP A 87 13.37 -32.27 -1.97
N ALA A 88 13.66 -32.25 -3.27
CA ALA A 88 14.89 -31.67 -3.79
C ALA A 88 14.61 -30.26 -4.33
N ASN A 89 15.42 -29.30 -3.89
CA ASN A 89 15.31 -27.91 -4.35
C ASN A 89 16.32 -27.67 -5.46
N GLN A 90 16.03 -28.27 -6.61
CA GLN A 90 16.89 -28.16 -7.77
C GLN A 90 17.30 -26.71 -8.10
N ARG A 91 18.57 -26.49 -8.41
CA ARG A 91 19.02 -25.16 -8.79
C ARG A 91 18.78 -24.91 -10.30
N ASN A 92 18.20 -23.77 -10.64
CA ASN A 92 17.98 -23.45 -12.05
C ASN A 92 19.30 -23.24 -12.78
N PRO A 93 19.36 -23.61 -14.09
CA PRO A 93 20.55 -23.44 -14.93
C PRO A 93 20.91 -21.97 -14.85
N ILE A 94 22.16 -21.66 -14.55
CA ILE A 94 22.58 -20.28 -14.35
C ILE A 94 22.34 -19.28 -15.48
N LYS A 95 21.80 -19.75 -16.61
CA LYS A 95 21.49 -18.85 -17.74
C LYS A 95 20.20 -18.09 -17.38
N PHE A 96 19.57 -18.56 -16.29
CA PHE A 96 18.33 -17.99 -15.80
C PHE A 96 18.58 -16.93 -14.76
N ASP A 97 19.70 -17.02 -14.06
CA ASP A 97 20.00 -16.04 -13.03
C ASP A 97 19.89 -14.63 -13.58
N GLY A 98 18.85 -13.92 -13.17
CA GLY A 98 18.69 -12.55 -13.64
C GLY A 98 17.42 -12.38 -14.42
N VAL A 99 16.79 -13.51 -14.74
CA VAL A 99 15.55 -13.47 -15.51
C VAL A 99 14.66 -12.34 -14.97
N GLU A 100 14.14 -11.54 -15.88
CA GLU A 100 13.24 -10.43 -15.55
C GLU A 100 11.85 -10.96 -15.22
N ASP A 101 11.59 -12.21 -15.57
CA ASP A 101 10.31 -12.82 -15.29
C ASP A 101 10.44 -14.26 -14.77
N MET A 102 10.34 -14.45 -13.45
CA MET A 102 10.45 -15.79 -12.84
C MET A 102 9.40 -16.82 -13.38
N SER A 103 8.46 -16.36 -14.20
CA SER A 103 7.44 -17.26 -14.76
C SER A 103 8.17 -18.28 -15.63
N GLU A 104 9.33 -17.87 -16.15
CA GLU A 104 10.11 -18.71 -17.03
C GLU A 104 11.00 -19.76 -16.36
N LEU A 105 11.34 -19.56 -15.10
CA LEU A 105 12.21 -20.52 -14.41
C LEU A 105 11.73 -21.97 -14.61
N SER A 106 12.66 -22.92 -14.66
CA SER A 106 12.33 -24.34 -14.88
C SER A 106 11.94 -24.98 -13.56
N TYR A 107 12.64 -24.58 -12.51
CA TYR A 107 12.39 -25.09 -11.18
C TYR A 107 11.87 -23.89 -10.38
N LEU A 108 10.62 -23.97 -9.93
CA LEU A 108 10.05 -22.88 -9.16
C LEU A 108 9.91 -23.30 -7.70
N ASN A 109 10.92 -22.94 -6.90
CA ASN A 109 10.95 -23.26 -5.47
C ASN A 109 11.58 -22.07 -4.77
N GLU A 110 11.34 -21.94 -3.47
CA GLU A 110 11.84 -20.84 -2.64
C GLU A 110 13.29 -20.38 -2.82
N PRO A 111 14.26 -21.28 -2.64
CA PRO A 111 15.64 -20.80 -2.83
C PRO A 111 15.93 -20.32 -4.26
N ALA A 112 15.36 -21.01 -5.25
CA ALA A 112 15.53 -20.66 -6.66
C ALA A 112 14.95 -19.26 -6.94
N VAL A 113 13.72 -19.03 -6.49
CA VAL A 113 13.00 -17.75 -6.66
C VAL A 113 13.68 -16.65 -5.85
N PHE A 114 14.37 -17.03 -4.78
CA PHE A 114 15.04 -16.03 -3.97
C PHE A 114 16.41 -15.68 -4.53
N HIS A 115 17.03 -16.65 -5.21
CA HIS A 115 18.35 -16.44 -5.80
C HIS A 115 18.30 -15.46 -6.96
N ASN A 116 17.19 -15.47 -7.69
CA ASN A 116 17.02 -14.59 -8.84
C ASN A 116 16.88 -13.15 -8.35
N LEU A 117 16.12 -12.98 -7.27
CA LEU A 117 15.91 -11.66 -6.68
C LEU A 117 17.22 -11.16 -6.09
N ARG A 118 18.03 -12.07 -5.54
CA ARG A 118 19.34 -11.73 -4.98
C ARG A 118 20.20 -11.22 -6.15
N VAL A 119 20.41 -12.08 -7.15
CA VAL A 119 21.19 -11.72 -8.33
C VAL A 119 20.87 -10.33 -8.85
N ARG A 120 19.61 -10.14 -9.27
CA ARG A 120 19.15 -8.87 -9.81
C ARG A 120 19.33 -7.70 -8.83
N TYR A 121 18.97 -7.94 -7.56
CA TYR A 121 19.10 -6.93 -6.52
C TYR A 121 20.56 -6.57 -6.28
N ASN A 122 21.45 -7.57 -6.29
CA ASN A 122 22.86 -7.25 -6.08
C ASN A 122 23.36 -6.37 -7.22
N GLN A 123 22.58 -6.27 -8.27
CA GLN A 123 22.94 -5.48 -9.43
C GLN A 123 22.17 -4.16 -9.42
N ASP A 124 21.50 -3.88 -8.31
CA ASP A 124 20.71 -2.66 -8.23
C ASP A 124 19.46 -2.73 -9.12
N LEU A 125 19.05 -3.96 -9.44
CA LEU A 125 17.85 -4.19 -10.22
C LEU A 125 16.79 -4.57 -9.22
N ILE A 126 15.96 -3.60 -8.84
CA ILE A 126 14.91 -3.82 -7.85
C ILE A 126 13.63 -4.41 -8.42
N TYR A 127 13.40 -4.31 -9.72
CA TYR A 127 12.17 -4.86 -10.29
C TYR A 127 12.34 -6.20 -10.96
N THR A 128 11.35 -7.07 -10.78
CA THR A 128 11.32 -8.41 -11.40
C THR A 128 9.85 -8.76 -11.47
N TYR A 129 9.48 -9.50 -12.51
CA TYR A 129 8.10 -9.91 -12.67
C TYR A 129 7.95 -11.34 -12.19
N SER A 130 6.82 -11.61 -11.57
CA SER A 130 6.54 -12.95 -11.09
C SER A 130 5.23 -13.36 -11.74
N GLY A 131 5.13 -13.12 -13.05
CA GLY A 131 3.93 -13.44 -13.77
C GLY A 131 3.23 -12.16 -14.20
N LEU A 132 1.99 -11.98 -13.74
CA LEU A 132 1.20 -10.80 -14.09
C LEU A 132 1.45 -9.63 -13.14
N PHE A 133 1.95 -9.93 -11.95
CA PHE A 133 2.25 -8.90 -10.97
C PHE A 133 3.75 -8.63 -10.90
N LEU A 134 4.13 -7.43 -10.47
CA LEU A 134 5.54 -7.03 -10.36
C LEU A 134 6.06 -7.20 -8.93
N VAL A 135 7.37 -7.14 -8.73
CA VAL A 135 7.94 -7.25 -7.38
C VAL A 135 8.93 -6.09 -7.21
N ALA A 136 9.05 -5.58 -5.98
CA ALA A 136 9.93 -4.46 -5.71
C ALA A 136 10.63 -4.56 -4.35
N VAL A 137 11.91 -4.89 -4.39
CA VAL A 137 12.73 -5.02 -3.21
C VAL A 137 13.43 -3.68 -2.99
N ASN A 138 13.10 -3.02 -1.88
CA ASN A 138 13.65 -1.71 -1.51
C ASN A 138 15.15 -1.63 -1.71
N PRO A 139 15.61 -0.59 -2.41
CA PRO A 139 17.04 -0.37 -2.68
C PRO A 139 17.69 0.29 -1.45
N PHE A 140 16.93 1.13 -0.77
CA PHE A 140 17.43 1.86 0.40
C PHE A 140 18.59 2.74 -0.05
N LYS A 141 18.50 3.16 -1.31
CA LYS A 141 19.48 4.05 -1.92
C LYS A 141 18.87 4.53 -3.23
N ARG A 142 19.25 5.71 -3.69
CA ARG A 142 18.71 6.25 -4.93
C ARG A 142 19.25 5.59 -6.20
N ILE A 143 18.41 5.45 -7.22
CA ILE A 143 18.84 4.88 -8.49
C ILE A 143 18.14 5.68 -9.61
N PRO A 144 18.94 6.21 -10.57
CA PRO A 144 18.43 7.01 -11.68
C PRO A 144 17.52 6.30 -12.69
N ILE A 145 16.40 5.74 -12.23
CA ILE A 145 15.48 5.06 -13.15
C ILE A 145 14.10 5.73 -13.24
N TYR A 146 13.97 6.95 -12.73
CA TYR A 146 12.69 7.66 -12.73
C TYR A 146 12.82 9.07 -13.31
N THR A 147 13.72 9.22 -14.27
CA THR A 147 13.94 10.51 -14.91
C THR A 147 12.87 10.63 -16.00
N GLN A 148 12.72 11.84 -16.54
CA GLN A 148 11.74 12.04 -17.61
C GLN A 148 12.19 11.18 -18.77
N GLU A 149 13.50 11.01 -18.90
CA GLU A 149 14.06 10.20 -19.96
C GLU A 149 13.60 8.75 -19.89
N MET A 150 13.54 8.18 -18.68
CA MET A 150 13.10 6.78 -18.48
C MET A 150 11.59 6.67 -18.60
N VAL A 151 10.91 7.79 -18.35
CA VAL A 151 9.47 7.88 -18.46
C VAL A 151 9.15 7.73 -19.94
N ASP A 152 9.85 8.49 -20.76
CA ASP A 152 9.60 8.44 -22.20
C ASP A 152 9.79 7.07 -22.83
N ILE A 153 10.82 6.35 -22.38
CA ILE A 153 11.13 5.00 -22.88
C ILE A 153 9.95 4.07 -22.75
N PHE A 154 9.43 3.97 -21.54
CA PHE A 154 8.33 3.07 -21.30
C PHE A 154 7.01 3.41 -21.95
N LYS A 155 6.74 4.70 -22.16
CA LYS A 155 5.46 5.08 -22.76
C LYS A 155 5.09 4.25 -23.99
N GLY A 156 3.91 3.66 -23.98
CA GLY A 156 3.43 2.89 -25.12
C GLY A 156 4.17 1.62 -25.49
N ARG A 157 4.85 1.01 -24.53
CA ARG A 157 5.59 -0.23 -24.79
C ARG A 157 4.89 -1.46 -24.21
N ARG A 158 4.83 -2.53 -25.01
CA ARG A 158 4.25 -3.77 -24.54
C ARG A 158 5.17 -4.25 -23.41
N ARG A 159 4.62 -4.95 -22.42
CA ARG A 159 5.42 -5.41 -21.29
C ARG A 159 6.65 -6.25 -21.69
N ASN A 160 6.51 -7.09 -22.71
CA ASN A 160 7.64 -7.90 -23.15
C ASN A 160 8.78 -7.05 -23.72
N GLU A 161 8.45 -6.04 -24.51
CA GLU A 161 9.48 -5.18 -25.11
C GLU A 161 10.44 -4.50 -24.14
N VAL A 162 9.96 -4.17 -22.94
CA VAL A 162 10.81 -3.52 -21.94
C VAL A 162 11.06 -4.30 -20.67
N ALA A 163 12.01 -3.80 -19.87
CA ALA A 163 12.37 -4.44 -18.61
C ALA A 163 11.33 -4.10 -17.55
N PRO A 164 11.29 -4.86 -16.45
CA PRO A 164 10.33 -4.63 -15.36
C PRO A 164 10.54 -3.25 -14.72
N HIS A 165 9.47 -2.48 -14.58
CA HIS A 165 9.58 -1.15 -13.99
C HIS A 165 8.22 -0.65 -13.53
N ILE A 166 8.17 0.08 -12.43
CA ILE A 166 6.89 0.59 -11.94
C ILE A 166 6.18 1.38 -13.04
N PHE A 167 6.97 1.91 -13.98
CA PHE A 167 6.44 2.69 -15.10
C PHE A 167 5.75 1.79 -16.11
N ALA A 168 6.20 0.54 -16.22
CA ALA A 168 5.64 -0.42 -17.18
C ALA A 168 4.24 -0.86 -16.81
N ILE A 169 4.09 -1.38 -15.60
CA ILE A 169 2.78 -1.84 -15.15
C ILE A 169 1.81 -0.64 -15.20
N SER A 170 2.32 0.57 -14.99
CA SER A 170 1.48 1.78 -15.04
C SER A 170 0.95 1.97 -16.44
N ASP A 171 1.86 2.00 -17.40
CA ASP A 171 1.50 2.15 -18.79
C ASP A 171 0.53 1.03 -19.16
N VAL A 172 0.92 -0.20 -18.84
CA VAL A 172 0.09 -1.37 -19.13
C VAL A 172 -1.33 -1.13 -18.64
N ALA A 173 -1.45 -0.61 -17.42
CA ALA A 173 -2.76 -0.32 -16.86
C ALA A 173 -3.42 0.67 -17.79
N TYR A 174 -2.72 1.77 -18.08
CA TYR A 174 -3.24 2.82 -18.95
C TYR A 174 -3.81 2.31 -20.24
N ARG A 175 -3.00 1.61 -21.04
CA ARG A 175 -3.53 1.08 -22.30
C ARG A 175 -4.82 0.30 -22.05
N SER A 176 -4.80 -0.60 -21.08
CA SER A 176 -5.96 -1.44 -20.76
C SER A 176 -7.22 -0.63 -20.41
N MET A 177 -7.00 0.54 -19.80
CA MET A 177 -8.12 1.42 -19.45
C MET A 177 -8.70 1.95 -20.74
N LEU A 178 -7.80 2.43 -21.60
CA LEU A 178 -8.17 2.98 -22.89
C LEU A 178 -8.79 1.95 -23.82
N ASP A 179 -8.18 0.78 -23.89
CA ASP A 179 -8.66 -0.29 -24.75
C ASP A 179 -9.98 -0.95 -24.34
N ASP A 180 -10.03 -1.52 -23.14
CA ASP A 180 -11.26 -2.19 -22.68
C ASP A 180 -12.33 -1.25 -22.13
N ARG A 181 -11.95 0.01 -21.94
CA ARG A 181 -12.88 1.02 -21.43
C ARG A 181 -13.35 0.63 -20.04
N GLN A 182 -12.50 -0.08 -19.31
CA GLN A 182 -12.80 -0.54 -17.97
C GLN A 182 -11.88 0.20 -17.00
N ASN A 183 -12.45 0.70 -15.91
CA ASN A 183 -11.65 1.42 -14.91
C ASN A 183 -10.63 0.47 -14.30
N GLN A 184 -9.47 1.00 -13.92
CA GLN A 184 -8.40 0.18 -13.36
C GLN A 184 -7.88 0.64 -11.98
N SER A 185 -7.07 -0.22 -11.37
CA SER A 185 -6.49 0.08 -10.07
C SER A 185 -5.14 -0.62 -9.86
N LEU A 186 -4.26 0.09 -9.15
CA LEU A 186 -2.93 -0.39 -8.83
C LEU A 186 -2.90 -0.60 -7.35
N LEU A 187 -2.77 -1.86 -6.96
CA LEU A 187 -2.74 -2.21 -5.56
C LEU A 187 -1.31 -2.56 -5.18
N ILE A 188 -0.71 -1.71 -4.35
CA ILE A 188 0.67 -1.93 -3.91
C ILE A 188 0.71 -2.40 -2.46
N THR A 189 1.19 -3.63 -2.31
CA THR A 189 1.26 -4.27 -1.01
C THR A 189 2.66 -4.23 -0.41
N GLY A 190 2.73 -4.52 0.89
CA GLY A 190 4.00 -4.54 1.59
C GLY A 190 3.88 -4.20 3.06
N GLU A 191 4.85 -4.62 3.86
CA GLU A 191 4.81 -4.28 5.28
C GLU A 191 5.35 -2.89 5.44
N SER A 192 5.70 -2.50 6.65
CA SER A 192 6.17 -1.13 6.90
C SER A 192 7.58 -0.81 6.45
N GLY A 193 7.70 0.16 5.54
CA GLY A 193 9.02 0.54 5.03
C GLY A 193 9.55 -0.32 3.91
N ALA A 194 8.66 -0.66 2.98
CA ALA A 194 8.98 -1.49 1.83
C ALA A 194 8.99 -0.77 0.48
N GLY A 195 8.41 0.43 0.41
CA GLY A 195 8.43 1.17 -0.82
C GLY A 195 7.08 1.59 -1.35
N LYS A 196 6.01 1.03 -0.79
CA LYS A 196 4.65 1.35 -1.23
C LYS A 196 4.40 2.81 -1.62
N THR A 197 4.76 3.73 -0.73
CA THR A 197 4.57 5.17 -0.96
C THR A 197 5.46 5.72 -2.08
N GLU A 198 6.70 5.23 -2.14
CA GLU A 198 7.67 5.65 -3.16
C GLU A 198 7.20 5.20 -4.53
N ASN A 199 6.71 3.97 -4.58
CA ASN A 199 6.22 3.44 -5.82
C ASN A 199 4.92 4.09 -6.18
N THR A 200 4.10 4.35 -5.16
CA THR A 200 2.87 5.09 -5.36
C THR A 200 3.16 6.39 -6.09
N LYS A 201 4.19 7.12 -5.66
CA LYS A 201 4.48 8.39 -6.31
C LYS A 201 4.85 8.27 -7.81
N LYS A 202 5.59 7.22 -8.15
CA LYS A 202 6.02 7.01 -9.52
C LYS A 202 4.84 6.77 -10.44
N VAL A 203 3.84 6.06 -9.93
CA VAL A 203 2.67 5.79 -10.73
C VAL A 203 2.01 7.11 -11.15
N ILE A 204 1.90 8.04 -10.20
CA ILE A 204 1.30 9.33 -10.50
C ILE A 204 2.18 10.08 -11.52
N GLN A 205 3.48 10.19 -11.23
CA GLN A 205 4.40 10.87 -12.13
C GLN A 205 4.26 10.40 -13.58
N TYR A 206 4.39 9.09 -13.77
CA TYR A 206 4.28 8.53 -15.10
C TYR A 206 2.91 8.84 -15.69
N LEU A 207 1.86 8.54 -14.93
CA LEU A 207 0.49 8.78 -15.37
C LEU A 207 0.19 10.26 -15.66
N ALA A 208 0.80 11.15 -14.88
CA ALA A 208 0.62 12.60 -15.04
C ALA A 208 1.29 13.12 -16.32
N SER A 209 2.52 12.71 -16.58
CA SER A 209 3.27 13.15 -17.77
C SER A 209 2.87 12.43 -19.07
N VAL A 210 2.52 11.15 -18.97
CA VAL A 210 2.14 10.40 -20.15
C VAL A 210 0.73 10.69 -20.67
N ALA A 211 -0.24 10.91 -19.77
CA ALA A 211 -1.61 11.21 -20.17
C ALA A 211 -2.00 12.65 -19.88
N GLY A 212 -1.03 13.50 -19.59
CA GLY A 212 -1.34 14.89 -19.31
C GLY A 212 -1.34 15.72 -20.56
N ARG A 213 -2.07 16.84 -20.54
CA ARG A 213 -1.94 17.85 -21.59
C ARG A 213 -0.60 18.51 -21.29
N ASN A 214 0.12 18.87 -22.35
CA ASN A 214 1.52 19.21 -22.24
C ASN A 214 1.57 20.60 -21.61
N GLN A 215 1.18 20.69 -20.35
CA GLN A 215 1.06 21.98 -19.68
C GLN A 215 0.13 23.19 -19.70
N ALA A 216 -0.83 23.18 -20.62
CA ALA A 216 -1.85 24.21 -20.67
C ALA A 216 -2.39 24.23 -19.24
N ASN A 217 -2.13 25.33 -18.54
CA ASN A 217 -2.44 25.40 -17.11
C ASN A 217 -3.92 25.05 -17.01
N GLY A 218 -4.23 24.09 -16.16
CA GLY A 218 -5.46 23.32 -16.29
C GLY A 218 -5.12 21.86 -16.50
N SER A 219 -3.98 21.62 -17.15
CA SER A 219 -3.61 20.27 -17.56
C SER A 219 -2.10 20.04 -17.53
N GLY A 220 -1.33 21.11 -17.64
CA GLY A 220 0.06 21.12 -17.25
C GLY A 220 0.24 21.76 -15.88
N VAL A 221 -0.81 22.43 -15.42
CA VAL A 221 -0.78 23.09 -14.14
C VAL A 221 -1.57 22.18 -13.20
N LEU A 222 -2.67 21.65 -13.71
CA LEU A 222 -3.50 20.73 -12.95
C LEU A 222 -2.59 19.59 -12.51
N GLU A 223 -1.67 19.22 -13.38
CA GLU A 223 -0.73 18.15 -13.10
C GLU A 223 0.30 18.57 -12.05
N GLN A 224 0.74 19.81 -12.11
CA GLN A 224 1.72 20.27 -11.14
C GLN A 224 1.06 20.25 -9.78
N GLN A 225 -0.21 20.62 -9.74
CA GLN A 225 -0.96 20.63 -8.49
C GLN A 225 -1.05 19.21 -7.96
N ILE A 226 -1.55 18.29 -8.78
CA ILE A 226 -1.69 16.89 -8.37
C ILE A 226 -0.39 16.43 -7.74
N LEU A 227 0.72 16.74 -8.39
CA LEU A 227 2.04 16.39 -7.92
C LEU A 227 2.41 17.14 -6.64
N GLN A 228 2.03 18.40 -6.55
CA GLN A 228 2.32 19.19 -5.36
C GLN A 228 1.43 18.86 -4.18
N ALA A 229 0.49 17.96 -4.39
CA ALA A 229 -0.41 17.58 -3.32
C ALA A 229 0.26 16.69 -2.28
N ASN A 230 0.77 15.54 -2.72
CA ASN A 230 1.42 14.59 -1.83
C ASN A 230 2.40 15.13 -0.81
N PRO A 231 3.25 16.08 -1.20
CA PRO A 231 4.16 16.60 -0.19
C PRO A 231 3.39 17.21 1.00
N ILE A 232 2.27 17.89 0.71
CA ILE A 232 1.45 18.49 1.76
C ILE A 232 1.01 17.38 2.69
N LEU A 233 0.28 16.42 2.15
CA LEU A 233 -0.20 15.28 2.92
C LEU A 233 0.90 14.53 3.66
N GLU A 234 2.07 14.41 3.05
CA GLU A 234 3.17 13.70 3.70
C GLU A 234 3.77 14.52 4.85
N ALA A 235 3.54 15.82 4.83
CA ALA A 235 4.05 16.69 5.89
C ALA A 235 3.23 16.54 7.18
N PHE A 236 1.91 16.57 7.05
CA PHE A 236 1.04 16.44 8.21
C PHE A 236 0.64 14.99 8.50
N GLY A 237 0.81 14.08 7.54
CA GLY A 237 0.38 12.70 7.74
C GLY A 237 1.42 11.61 7.91
N ASN A 238 2.69 11.95 7.69
CA ASN A 238 3.76 10.97 7.82
C ASN A 238 4.63 11.29 9.04
N ALA A 239 5.39 10.31 9.52
CA ALA A 239 6.25 10.48 10.68
C ALA A 239 7.26 9.33 10.88
N LYS A 240 8.20 9.54 11.80
CA LYS A 240 9.25 8.57 12.08
C LYS A 240 8.89 7.52 13.11
N THR A 241 8.73 6.30 12.64
CA THR A 241 8.41 5.20 13.53
C THR A 241 9.68 4.36 13.54
N THR A 242 9.72 3.38 14.43
CA THR A 242 10.86 2.52 14.56
C THR A 242 11.06 1.59 13.39
N ARG A 243 10.27 1.76 12.33
CA ARG A 243 10.38 0.89 11.17
C ARG A 243 10.57 1.66 9.87
N ASN A 244 10.29 2.95 9.91
CA ASN A 244 10.41 3.78 8.72
C ASN A 244 10.52 5.23 9.19
N ASN A 245 11.40 6.00 8.56
CA ASN A 245 11.62 7.42 8.89
C ASN A 245 10.52 8.25 8.27
N ASN A 246 9.83 7.67 7.29
CA ASN A 246 8.74 8.39 6.64
C ASN A 246 7.53 7.47 6.56
N SER A 247 7.09 7.01 7.74
CA SER A 247 5.94 6.11 7.86
C SER A 247 4.62 6.82 7.54
N SER A 248 3.80 6.21 6.69
CA SER A 248 2.49 6.79 6.37
C SER A 248 1.52 6.40 7.47
N ARG A 249 1.16 7.36 8.30
CA ARG A 249 0.32 7.06 9.43
C ARG A 249 -1.13 7.29 9.09
N PHE A 250 -1.48 6.93 7.88
CA PHE A 250 -2.84 7.04 7.39
C PHE A 250 -2.81 6.52 5.97
N GLY A 251 -3.83 5.74 5.61
CA GLY A 251 -3.92 5.21 4.26
C GLY A 251 -4.61 6.18 3.32
N LYS A 252 -4.69 5.83 2.04
CA LYS A 252 -5.34 6.72 1.08
C LYS A 252 -5.58 6.08 -0.28
N PHE A 253 -6.67 6.45 -0.91
CA PHE A 253 -6.97 5.94 -2.23
C PHE A 253 -6.91 7.15 -3.16
N ILE A 254 -5.93 7.21 -4.06
CA ILE A 254 -5.85 8.33 -4.98
C ILE A 254 -6.46 7.89 -6.29
N GLU A 255 -7.33 8.73 -6.83
CA GLU A 255 -8.03 8.41 -8.06
C GLU A 255 -7.59 9.35 -9.18
N ILE A 256 -7.07 8.80 -10.28
CA ILE A 256 -6.68 9.65 -11.39
C ILE A 256 -7.79 9.51 -12.44
N GLN A 257 -8.46 10.62 -12.76
CA GLN A 257 -9.57 10.62 -13.71
C GLN A 257 -9.18 11.02 -15.13
N PHE A 258 -9.79 10.37 -16.12
CA PHE A 258 -9.52 10.68 -17.51
C PHE A 258 -10.81 11.03 -18.22
N ASN A 259 -10.73 11.92 -19.20
CA ASN A 259 -11.91 12.30 -19.97
C ASN A 259 -12.17 11.14 -20.93
N SER A 260 -13.15 11.25 -21.80
CA SER A 260 -13.43 10.16 -22.72
C SER A 260 -12.27 9.99 -23.70
N ALA A 261 -11.57 11.08 -23.99
CA ALA A 261 -10.42 11.04 -24.90
C ALA A 261 -9.28 10.20 -24.32
N GLY A 262 -9.05 10.34 -23.02
CA GLY A 262 -8.00 9.58 -22.38
C GLY A 262 -6.97 10.47 -21.69
N PHE A 263 -7.26 11.76 -21.61
CA PHE A 263 -6.36 12.70 -20.96
C PHE A 263 -6.77 12.98 -19.51
N ILE A 264 -5.80 13.31 -18.67
CA ILE A 264 -6.07 13.59 -17.27
C ILE A 264 -7.10 14.68 -17.14
N SER A 265 -8.24 14.35 -16.53
CA SER A 265 -9.28 15.33 -16.36
C SER A 265 -9.30 15.78 -14.92
N GLY A 266 -8.71 14.95 -14.07
CA GLY A 266 -8.66 15.27 -12.66
C GLY A 266 -8.26 14.11 -11.78
N ALA A 267 -8.21 14.37 -10.48
CA ALA A 267 -7.81 13.38 -9.51
C ALA A 267 -8.45 13.69 -8.16
N SER A 268 -8.68 12.67 -7.34
CA SER A 268 -9.28 12.88 -6.02
C SER A 268 -8.69 11.89 -5.00
N ILE A 269 -8.38 12.42 -3.82
CA ILE A 269 -7.78 11.65 -2.71
C ILE A 269 -8.78 11.29 -1.60
N GLN A 270 -8.70 10.05 -1.12
CA GLN A 270 -9.57 9.58 -0.06
C GLN A 270 -8.73 9.05 1.09
N SER A 271 -8.52 9.85 2.14
CA SER A 271 -7.70 9.42 3.26
C SER A 271 -8.34 8.35 4.14
N TYR A 272 -7.51 7.62 4.88
CA TYR A 272 -8.01 6.56 5.76
C TYR A 272 -7.32 6.14 7.07
N LEU A 273 -8.09 6.16 8.14
CA LEU A 273 -7.69 5.77 9.46
C LEU A 273 -6.40 6.36 10.07
N LEU A 274 -6.24 7.67 9.90
CA LEU A 274 -5.07 8.38 10.41
C LEU A 274 -4.79 8.16 11.93
N GLU A 275 -3.59 7.73 12.25
CA GLU A 275 -3.17 7.50 13.62
C GLU A 275 -3.04 8.88 14.26
N LYS A 276 -4.11 9.31 14.90
CA LYS A 276 -4.13 10.61 15.52
C LYS A 276 -3.74 10.62 16.97
N SER A 277 -3.48 9.46 17.54
CA SER A 277 -2.98 9.47 18.91
C SER A 277 -1.50 9.91 18.97
N ARG A 278 -0.86 10.00 17.79
CA ARG A 278 0.57 10.37 17.67
C ARG A 278 0.88 11.81 18.05
N VAL A 279 -0.06 12.72 17.87
CA VAL A 279 0.18 14.12 18.20
C VAL A 279 0.51 14.29 19.68
N VAL A 280 -0.02 13.39 20.53
CA VAL A 280 0.17 13.47 21.96
C VAL A 280 1.15 12.46 22.52
N PHE A 281 1.40 11.38 21.78
CA PHE A 281 2.32 10.35 22.24
C PHE A 281 3.15 9.70 21.14
N GLN A 282 4.44 9.58 21.40
CA GLN A 282 5.36 8.92 20.50
C GLN A 282 6.24 8.00 21.33
N SER A 283 6.43 6.78 20.86
CA SER A 283 7.26 5.82 21.54
C SER A 283 8.69 6.33 21.47
N GLU A 284 9.55 5.67 22.24
CA GLU A 284 10.95 6.02 22.31
C GLU A 284 11.66 5.97 20.96
N THR A 285 12.38 7.04 20.63
CA THR A 285 13.15 7.13 19.41
C THR A 285 12.36 7.53 18.18
N GLU A 286 11.06 7.69 18.33
CA GLU A 286 10.23 8.09 17.18
C GLU A 286 10.00 9.60 17.18
N ARG A 287 9.21 10.07 16.21
CA ARG A 287 8.91 11.49 16.10
C ARG A 287 7.44 11.75 15.91
N ASN A 288 7.03 12.97 16.24
CA ASN A 288 5.66 13.37 16.05
C ASN A 288 5.60 13.55 14.52
N TYR A 289 4.54 14.13 14.00
CA TYR A 289 4.46 14.33 12.56
C TYR A 289 5.52 15.35 12.10
N HIS A 290 6.13 15.12 10.93
CA HIS A 290 7.13 16.05 10.44
C HIS A 290 6.65 17.49 10.61
N ILE A 291 5.43 17.74 10.17
CA ILE A 291 4.85 19.08 10.19
C ILE A 291 5.23 19.99 11.35
N PHE A 292 5.26 19.41 12.55
CA PHE A 292 5.62 20.14 13.77
C PHE A 292 7.10 20.54 13.65
N TYR A 293 7.96 19.57 13.34
CA TYR A 293 9.40 19.82 13.25
C TYR A 293 9.81 20.82 12.18
N GLN A 294 9.06 20.89 11.09
CA GLN A 294 9.38 21.80 10.00
C GLN A 294 9.10 23.24 10.37
N LEU A 295 7.86 23.51 10.76
CA LEU A 295 7.47 24.85 11.14
C LEU A 295 8.30 25.35 12.32
N LEU A 296 8.59 24.46 13.27
CA LEU A 296 9.33 24.88 14.46
C LEU A 296 10.73 25.39 14.11
N ALA A 297 11.49 24.58 13.38
CA ALA A 297 12.84 24.96 12.96
C ALA A 297 12.81 25.21 11.47
N GLY A 298 12.13 26.27 11.06
CA GLY A 298 12.03 26.58 9.65
C GLY A 298 11.16 27.81 9.48
N ALA A 299 10.57 28.29 10.57
CA ALA A 299 9.72 29.47 10.51
C ALA A 299 10.54 30.74 10.79
N THR A 300 10.16 31.83 10.12
CA THR A 300 10.85 33.11 10.29
C THR A 300 10.72 33.64 11.72
N ALA A 301 11.78 34.24 12.23
CA ALA A 301 11.77 34.78 13.59
C ALA A 301 10.51 35.59 13.81
N GLU A 302 10.07 36.31 12.78
CA GLU A 302 8.86 37.13 12.89
C GLU A 302 7.65 36.24 13.09
N GLU A 303 7.67 35.08 12.46
CA GLU A 303 6.59 34.13 12.58
C GLU A 303 6.79 33.42 13.90
N LYS A 304 8.05 33.18 14.24
CA LYS A 304 8.43 32.50 15.47
C LYS A 304 7.92 33.24 16.71
N LYS A 305 7.82 34.57 16.59
CA LYS A 305 7.37 35.47 17.65
C LYS A 305 5.86 35.72 17.65
N ALA A 306 5.17 35.27 16.60
CA ALA A 306 3.71 35.46 16.48
C ALA A 306 2.92 34.26 16.93
N LEU A 307 3.63 33.16 17.16
CA LEU A 307 3.02 31.91 17.57
C LEU A 307 3.73 31.47 18.83
N HIS A 308 4.52 32.39 19.37
CA HIS A 308 5.28 32.14 20.58
C HIS A 308 6.02 30.83 20.55
N LEU A 309 6.47 30.43 19.35
CA LEU A 309 7.20 29.18 19.17
C LEU A 309 8.61 29.24 19.74
N ALA A 310 9.18 28.06 19.95
CA ALA A 310 10.52 27.94 20.52
C ALA A 310 11.18 26.62 20.12
N GLY A 311 12.11 26.14 20.95
CA GLY A 311 12.77 24.89 20.63
C GLY A 311 11.90 23.66 20.77
N PRO A 312 12.05 22.67 19.88
CA PRO A 312 11.27 21.44 19.92
C PRO A 312 11.31 20.77 21.30
N GLU A 313 12.48 20.81 21.95
CA GLU A 313 12.59 20.20 23.28
C GLU A 313 11.80 21.00 24.33
N SER A 314 11.32 22.18 23.96
CA SER A 314 10.56 23.00 24.90
C SER A 314 9.12 22.53 24.98
N PHE A 315 8.66 21.89 23.92
CA PHE A 315 7.29 21.41 23.82
C PHE A 315 7.16 19.96 24.23
N ASN A 316 6.28 19.72 25.19
CA ASN A 316 6.00 18.40 25.75
C ASN A 316 5.64 17.29 24.73
N TYR A 317 4.96 17.66 23.65
CA TYR A 317 4.57 16.68 22.61
C TYR A 317 5.75 16.30 21.70
N LEU A 318 6.86 17.03 21.82
CA LEU A 318 8.02 16.76 20.99
C LEU A 318 9.28 16.32 21.73
N ASN A 319 9.35 16.55 23.03
CA ASN A 319 10.54 16.21 23.82
C ASN A 319 10.41 14.99 24.70
N GLN A 320 9.70 13.97 24.25
CA GLN A 320 9.57 12.81 25.10
C GLN A 320 10.13 11.50 24.54
N SER A 321 10.20 11.38 23.21
CA SER A 321 10.70 10.18 22.56
C SER A 321 12.21 10.10 22.51
N GLY A 322 12.87 11.26 22.70
CA GLY A 322 14.32 11.32 22.65
C GLY A 322 14.85 11.36 21.22
N CYS A 323 14.07 11.96 20.33
CA CYS A 323 14.40 12.06 18.90
C CYS A 323 13.74 13.27 18.25
N VAL A 324 14.54 14.24 17.82
CA VAL A 324 13.99 15.44 17.19
C VAL A 324 14.49 15.59 15.75
N ASP A 325 15.44 14.74 15.37
CA ASP A 325 16.00 14.80 14.03
C ASP A 325 15.96 13.44 13.34
N ILE A 326 16.00 13.45 12.01
CA ILE A 326 15.96 12.26 11.16
C ILE A 326 17.22 12.26 10.31
N LYS A 327 18.05 11.26 10.49
CA LYS A 327 19.30 11.20 9.74
C LYS A 327 19.16 11.44 8.22
N GLY A 328 19.61 12.60 7.76
CA GLY A 328 19.56 12.94 6.35
C GLY A 328 18.56 13.97 5.89
N VAL A 329 17.56 14.23 6.73
CA VAL A 329 16.50 15.17 6.42
C VAL A 329 16.65 16.53 7.10
N SER A 330 16.33 17.58 6.36
CA SER A 330 16.40 18.95 6.85
C SER A 330 14.99 19.49 7.02
N ASP A 331 14.52 19.50 8.26
CA ASP A 331 13.18 20.00 8.51
C ASP A 331 12.97 21.39 7.92
N SER A 332 13.96 22.27 8.05
CA SER A 332 13.80 23.60 7.49
C SER A 332 13.67 23.53 5.96
N GLU A 333 14.53 22.73 5.34
CA GLU A 333 14.50 22.54 3.90
C GLU A 333 13.19 21.92 3.50
N GLU A 334 12.66 21.03 4.34
CA GLU A 334 11.40 20.39 4.03
C GLU A 334 10.25 21.35 4.27
N PHE A 335 10.35 22.16 5.32
CA PHE A 335 9.30 23.11 5.61
C PHE A 335 9.02 23.97 4.37
N LYS A 336 10.08 24.37 3.68
CA LYS A 336 9.99 25.18 2.47
C LYS A 336 9.17 24.46 1.40
N ILE A 337 9.60 23.26 1.04
CA ILE A 337 8.88 22.47 0.04
C ILE A 337 7.39 22.41 0.32
N THR A 338 7.04 22.28 1.60
CA THR A 338 5.65 22.22 2.03
C THR A 338 4.93 23.53 1.63
N ARG A 339 5.47 24.67 2.06
CA ARG A 339 4.86 25.94 1.72
C ARG A 339 4.79 26.10 0.21
N GLN A 340 5.79 25.55 -0.48
CA GLN A 340 5.88 25.59 -1.93
C GLN A 340 4.70 24.85 -2.56
N ALA A 341 4.32 23.73 -1.95
CA ALA A 341 3.21 22.93 -2.47
C ALA A 341 1.86 23.56 -2.13
N MET A 342 1.75 24.15 -0.95
CA MET A 342 0.49 24.77 -0.55
C MET A 342 0.08 25.87 -1.53
N ASP A 343 1.07 26.63 -2.03
CA ASP A 343 0.83 27.70 -3.00
C ASP A 343 0.38 27.17 -4.36
N ILE A 344 1.01 26.09 -4.83
CA ILE A 344 0.64 25.48 -6.10
C ILE A 344 -0.79 24.97 -6.06
N VAL A 345 -1.21 24.41 -4.93
CA VAL A 345 -2.58 23.91 -4.84
C VAL A 345 -3.60 25.05 -4.87
N GLY A 346 -3.36 26.09 -4.06
CA GLY A 346 -4.26 27.23 -4.03
C GLY A 346 -4.47 27.85 -2.67
N PHE A 347 -3.83 27.31 -1.64
CA PHE A 347 -3.99 27.84 -0.28
C PHE A 347 -3.60 29.32 -0.17
N SER A 348 -4.46 30.10 0.47
CA SER A 348 -4.21 31.51 0.68
C SER A 348 -2.99 31.67 1.58
N GLN A 349 -2.45 32.88 1.60
CA GLN A 349 -1.30 33.19 2.43
C GLN A 349 -1.83 33.33 3.86
N GLU A 350 -3.14 33.57 3.94
CA GLU A 350 -3.85 33.72 5.20
C GLU A 350 -4.12 32.32 5.73
N GLU A 351 -4.79 31.51 4.93
CA GLU A 351 -5.11 30.13 5.28
C GLU A 351 -3.93 29.37 5.84
N GLN A 352 -2.81 29.45 5.13
CA GLN A 352 -1.59 28.79 5.54
C GLN A 352 -1.17 29.16 6.95
N MET A 353 -1.25 30.44 7.27
CA MET A 353 -0.86 30.88 8.59
C MET A 353 -1.71 30.18 9.63
N SER A 354 -3.03 30.23 9.48
CA SER A 354 -3.93 29.59 10.42
C SER A 354 -3.44 28.17 10.61
N ILE A 355 -3.14 27.52 9.49
CA ILE A 355 -2.67 26.15 9.52
C ILE A 355 -1.56 25.98 10.52
N PHE A 356 -0.69 26.97 10.60
CA PHE A 356 0.42 26.92 11.52
C PHE A 356 0.01 27.49 12.89
N LYS A 357 -1.02 28.33 12.91
CA LYS A 357 -1.51 28.88 14.19
C LYS A 357 -2.09 27.70 14.94
N ILE A 358 -2.85 26.90 14.20
CA ILE A 358 -3.49 25.68 14.72
C ILE A 358 -2.43 24.69 15.17
N ILE A 359 -1.31 24.62 14.45
CA ILE A 359 -0.23 23.70 14.81
C ILE A 359 0.58 24.21 15.98
N ALA A 360 0.80 25.51 16.01
CA ALA A 360 1.52 26.12 17.11
C ALA A 360 0.61 25.90 18.31
N GLY A 361 -0.68 26.22 18.15
CA GLY A 361 -1.64 26.04 19.22
C GLY A 361 -1.68 24.60 19.73
N ILE A 362 -1.58 23.60 18.85
CA ILE A 362 -1.61 22.21 19.32
C ILE A 362 -0.41 21.95 20.23
N LEU A 363 0.71 22.64 19.98
CA LEU A 363 1.92 22.45 20.78
C LEU A 363 1.79 23.08 22.16
N HIS A 364 1.29 24.31 22.20
CA HIS A 364 1.10 25.02 23.47
C HIS A 364 0.15 24.23 24.36
N LEU A 365 -1.04 23.91 23.86
CA LEU A 365 -2.01 23.17 24.65
C LEU A 365 -1.32 21.99 25.34
N GLY A 366 -0.37 21.37 24.65
CA GLY A 366 0.29 20.21 25.23
C GLY A 366 1.23 20.53 26.38
N ASN A 367 1.58 21.80 26.51
CA ASN A 367 2.46 22.27 27.58
C ASN A 367 1.64 22.58 28.81
N ILE A 368 0.33 22.69 28.62
CA ILE A 368 -0.58 22.98 29.74
C ILE A 368 -0.45 21.99 30.89
N LYS A 369 -0.10 22.50 32.08
CA LYS A 369 0.05 21.65 33.26
C LYS A 369 -1.10 21.71 34.26
N PHE A 370 -1.74 20.56 34.50
CA PHE A 370 -2.83 20.45 35.45
C PHE A 370 -2.27 19.92 36.77
N GLU A 371 -2.74 20.46 37.88
CA GLU A 371 -2.26 20.04 39.19
C GLU A 371 -3.43 19.89 40.16
N LYS A 372 -3.24 19.04 41.16
CA LYS A 372 -4.24 18.75 42.18
C LYS A 372 -4.58 20.00 43.01
N GLY A 373 -5.85 20.32 43.12
CA GLY A 373 -6.26 21.48 43.89
C GLY A 373 -6.20 21.09 45.37
N ALA A 374 -6.88 21.86 46.22
CA ALA A 374 -6.91 21.54 47.65
C ALA A 374 -7.70 20.26 47.76
N GLY A 375 -8.68 20.18 46.88
CA GLY A 375 -9.53 19.03 46.73
C GLY A 375 -9.01 18.32 45.52
N GLU A 376 -9.75 17.26 45.13
CA GLU A 376 -9.56 16.41 43.95
C GLU A 376 -9.76 16.80 42.51
N GLY A 377 -10.58 17.80 42.30
CA GLY A 377 -10.57 18.59 41.09
C GLY A 377 -9.26 19.25 40.82
N ALA A 378 -8.73 18.98 39.65
CA ALA A 378 -7.49 19.58 39.12
C ALA A 378 -7.53 21.09 38.91
N VAL A 379 -6.36 21.72 39.02
CA VAL A 379 -6.24 23.19 38.83
C VAL A 379 -5.07 23.59 37.91
N LEU A 380 -5.19 24.77 37.32
CA LEU A 380 -4.14 25.27 36.43
C LEU A 380 -3.51 26.50 37.09
N LYS A 381 -2.34 26.31 37.70
CA LYS A 381 -1.64 27.41 38.36
C LYS A 381 -0.99 28.39 37.39
N ASP A 382 -0.41 27.86 36.30
CA ASP A 382 0.27 28.68 35.31
C ASP A 382 -0.59 28.79 34.04
N LYS A 383 -0.96 30.02 33.67
CA LYS A 383 -1.80 30.27 32.49
C LYS A 383 -0.98 30.60 31.25
N THR A 384 0.33 30.70 31.39
CA THR A 384 1.22 31.03 30.26
C THR A 384 0.91 30.25 28.96
N ALA A 385 0.82 28.92 29.04
CA ALA A 385 0.52 28.08 27.88
C ALA A 385 -0.95 28.20 27.49
N LEU A 386 -1.83 28.17 28.48
CA LEU A 386 -3.25 28.29 28.25
C LEU A 386 -3.56 29.52 27.39
N ASN A 387 -2.92 30.64 27.69
CA ASN A 387 -3.16 31.88 26.96
C ASN A 387 -2.47 31.90 25.61
N ALA A 388 -1.29 31.28 25.55
CA ALA A 388 -0.55 31.21 24.30
C ALA A 388 -1.48 30.50 23.33
N ALA A 389 -1.93 29.31 23.71
CA ALA A 389 -2.83 28.51 22.88
C ALA A 389 -4.09 29.26 22.49
N SER A 390 -4.76 29.87 23.47
CA SER A 390 -5.98 30.63 23.25
C SER A 390 -5.71 31.81 22.32
N THR A 391 -4.56 32.44 22.51
CA THR A 391 -4.16 33.60 21.70
C THR A 391 -4.12 33.32 20.20
N VAL A 392 -3.28 32.37 19.78
CA VAL A 392 -3.16 32.03 18.37
C VAL A 392 -4.38 31.29 17.79
N PHE A 393 -5.25 30.83 18.69
CA PHE A 393 -6.46 30.09 18.30
C PHE A 393 -7.70 30.96 18.13
N GLY A 394 -7.64 32.22 18.58
CA GLY A 394 -8.80 33.08 18.44
C GLY A 394 -9.92 32.69 19.39
N VAL A 395 -9.57 32.05 20.50
CA VAL A 395 -10.59 31.64 21.47
C VAL A 395 -10.38 32.35 22.79
N ASN A 396 -11.33 32.18 23.72
CA ASN A 396 -11.29 32.81 25.05
C ASN A 396 -10.68 31.93 26.14
N PRO A 397 -9.44 32.26 26.58
CA PRO A 397 -8.67 31.56 27.62
C PRO A 397 -9.46 31.06 28.85
N SER A 398 -10.24 31.93 29.51
CA SER A 398 -10.99 31.47 30.69
C SER A 398 -12.10 30.50 30.30
N VAL A 399 -12.63 30.66 29.09
CA VAL A 399 -13.67 29.76 28.62
C VAL A 399 -13.01 28.41 28.39
N LEU A 400 -11.84 28.43 27.75
CA LEU A 400 -11.09 27.21 27.49
C LEU A 400 -10.78 26.52 28.83
N GLU A 401 -10.26 27.30 29.79
CA GLU A 401 -9.94 26.76 31.10
C GLU A 401 -11.11 26.00 31.69
N LYS A 402 -12.24 26.70 31.84
CA LYS A 402 -13.43 26.08 32.40
C LYS A 402 -13.80 24.84 31.61
N ALA A 403 -13.67 24.93 30.29
CA ALA A 403 -14.01 23.80 29.41
C ALA A 403 -13.13 22.57 29.64
N LEU A 404 -11.87 22.81 29.98
CA LEU A 404 -10.88 21.76 30.21
C LEU A 404 -11.01 20.98 31.51
N MET A 405 -11.27 21.69 32.61
CA MET A 405 -11.38 21.07 33.93
C MET A 405 -12.78 20.94 34.51
N GLU A 406 -13.70 21.82 34.10
CA GLU A 406 -15.07 21.78 34.62
C GLU A 406 -16.18 21.68 33.54
N PRO A 407 -16.09 20.69 32.65
CA PRO A 407 -17.11 20.53 31.61
C PRO A 407 -18.53 20.27 32.12
N ARG A 408 -19.50 21.02 31.60
CA ARG A 408 -20.91 20.85 31.96
C ARG A 408 -21.41 19.61 31.23
N ILE A 409 -22.22 18.82 31.92
CA ILE A 409 -22.78 17.62 31.32
C ILE A 409 -24.21 17.53 31.82
N LEU A 410 -24.97 16.59 31.25
CA LEU A 410 -26.36 16.39 31.64
C LEU A 410 -26.52 15.20 32.58
N ALA A 411 -27.19 15.41 33.70
CA ALA A 411 -27.46 14.32 34.65
C ALA A 411 -28.95 14.03 34.52
N GLY A 412 -29.29 13.16 33.59
CA GLY A 412 -30.69 12.87 33.37
C GLY A 412 -31.14 13.99 32.43
N ARG A 413 -31.56 15.09 33.02
CA ARG A 413 -32.03 16.23 32.24
C ARG A 413 -31.45 17.45 32.94
N ASP A 414 -30.69 17.19 33.99
CA ASP A 414 -30.06 18.25 34.77
C ASP A 414 -28.74 18.69 34.12
N LEU A 415 -28.29 19.93 34.41
CA LEU A 415 -27.04 20.46 33.86
C LEU A 415 -26.00 20.54 34.95
N VAL A 416 -25.18 19.50 35.08
CA VAL A 416 -24.15 19.49 36.11
C VAL A 416 -22.80 19.81 35.53
N ALA A 417 -22.01 20.59 36.27
CA ALA A 417 -20.68 20.93 35.83
C ALA A 417 -19.70 20.00 36.53
N GLN A 418 -18.85 19.37 35.74
CA GLN A 418 -17.87 18.43 36.29
C GLN A 418 -16.63 19.13 36.73
N HIS A 419 -15.80 18.43 37.49
CA HIS A 419 -14.51 18.98 37.89
C HIS A 419 -13.51 17.83 37.86
N LEU A 420 -12.90 17.70 36.69
CA LEU A 420 -11.93 16.68 36.39
C LEU A 420 -10.68 16.74 37.24
N ASN A 421 -10.15 15.59 37.60
CA ASN A 421 -8.93 15.55 38.37
C ASN A 421 -7.77 15.73 37.36
N VAL A 422 -6.53 15.75 37.82
CA VAL A 422 -5.41 15.94 36.90
C VAL A 422 -5.46 14.94 35.75
N GLU A 423 -5.55 13.66 36.09
CA GLU A 423 -5.60 12.60 35.09
C GLU A 423 -6.65 12.84 33.99
N LYS A 424 -7.90 13.07 34.40
CA LYS A 424 -9.03 13.31 33.48
C LYS A 424 -8.97 14.62 32.70
N SER A 425 -8.33 15.63 33.28
CA SER A 425 -8.21 16.92 32.60
C SER A 425 -7.17 16.79 31.47
N SER A 426 -6.08 16.09 31.80
CA SER A 426 -5.02 15.88 30.83
C SER A 426 -5.63 15.18 29.62
N SER A 427 -6.25 14.03 29.86
CA SER A 427 -6.88 13.28 28.80
C SER A 427 -7.86 14.12 27.98
N SER A 428 -8.54 15.05 28.63
CA SER A 428 -9.48 15.90 27.91
C SER A 428 -8.68 16.83 26.96
N ARG A 429 -7.63 17.46 27.49
CA ARG A 429 -6.77 18.34 26.72
C ARG A 429 -6.29 17.57 25.48
N ASP A 430 -5.86 16.31 25.67
CA ASP A 430 -5.40 15.44 24.57
C ASP A 430 -6.49 15.16 23.52
N ALA A 431 -7.72 14.99 24.00
CA ALA A 431 -8.87 14.74 23.12
C ALA A 431 -9.09 15.95 22.25
N LEU A 432 -8.82 17.14 22.83
CA LEU A 432 -8.97 18.40 22.11
C LEU A 432 -7.93 18.41 21.00
N VAL A 433 -6.68 18.19 21.40
CA VAL A 433 -5.56 18.15 20.45
C VAL A 433 -5.86 17.24 19.27
N LYS A 434 -5.94 15.94 19.55
CA LYS A 434 -6.20 14.95 18.52
C LYS A 434 -7.38 15.34 17.63
N ALA A 435 -8.47 15.79 18.24
CA ALA A 435 -9.64 16.23 17.46
C ALA A 435 -9.33 17.38 16.55
N LEU A 436 -8.47 18.29 17.03
CA LEU A 436 -8.06 19.45 16.25
C LEU A 436 -7.30 19.02 14.99
N TYR A 437 -6.29 18.18 15.18
CA TYR A 437 -5.44 17.69 14.10
C TYR A 437 -6.25 16.89 13.07
N GLY A 438 -6.99 15.90 13.55
CA GLY A 438 -7.78 15.07 12.67
C GLY A 438 -8.64 15.87 11.72
N ARG A 439 -9.35 16.87 12.26
CA ARG A 439 -10.09 17.78 11.42
C ARG A 439 -9.29 18.50 10.36
N LEU A 440 -8.13 19.01 10.76
CA LEU A 440 -7.26 19.73 9.85
C LEU A 440 -6.82 18.83 8.70
N PHE A 441 -6.39 17.60 9.00
CA PHE A 441 -5.96 16.68 7.94
C PHE A 441 -7.16 16.64 6.98
N LEU A 442 -8.24 16.04 7.44
CA LEU A 442 -9.51 16.08 6.73
C LEU A 442 -9.71 17.33 5.89
N TRP A 443 -9.69 18.49 6.54
CA TRP A 443 -9.83 19.78 5.84
C TRP A 443 -8.77 19.91 4.75
N LEU A 444 -7.50 19.88 5.14
CA LEU A 444 -6.41 19.98 4.17
C LEU A 444 -6.71 19.06 3.00
N VAL A 445 -7.18 17.85 3.27
CA VAL A 445 -7.52 16.87 2.22
C VAL A 445 -8.72 17.39 1.47
N LYS A 446 -9.73 17.79 2.23
CA LYS A 446 -10.98 18.32 1.71
C LYS A 446 -10.72 19.54 0.85
N LYS A 447 -9.95 20.49 1.36
CA LYS A 447 -9.63 21.71 0.60
C LYS A 447 -8.96 21.30 -0.72
N ILE A 448 -7.91 20.50 -0.61
CA ILE A 448 -7.15 20.04 -1.77
C ILE A 448 -8.01 19.43 -2.86
N ASN A 449 -8.83 18.46 -2.50
CA ASN A 449 -9.63 17.80 -3.52
C ASN A 449 -10.54 18.66 -4.35
N ASN A 450 -10.77 19.89 -3.90
CA ASN A 450 -11.64 20.78 -4.67
C ASN A 450 -10.86 21.40 -5.82
N VAL A 451 -9.54 21.49 -5.66
CA VAL A 451 -8.66 22.05 -6.69
C VAL A 451 -8.54 21.03 -7.84
N LEU A 452 -8.21 19.79 -7.46
CA LEU A 452 -8.03 18.67 -8.38
C LEU A 452 -9.30 18.06 -8.95
N CYS A 453 -10.42 18.25 -8.27
CA CYS A 453 -11.68 17.70 -8.78
C CYS A 453 -12.61 18.78 -9.35
N GLN A 454 -12.57 18.95 -10.67
CA GLN A 454 -13.41 19.95 -11.34
C GLN A 454 -13.91 19.56 -12.72
N GLU A 455 -14.28 18.30 -12.88
CA GLU A 455 -14.80 17.78 -14.14
C GLU A 455 -15.23 16.35 -13.92
N ARG A 456 -16.43 15.99 -14.38
CA ARG A 456 -16.90 14.64 -14.21
C ARG A 456 -16.01 13.71 -15.00
N LYS A 457 -15.48 12.72 -14.31
CA LYS A 457 -14.60 11.77 -14.93
C LYS A 457 -15.29 10.86 -15.94
N ALA A 458 -14.51 10.27 -16.83
CA ALA A 458 -15.02 9.35 -17.82
C ALA A 458 -14.51 7.96 -17.39
N TYR A 459 -13.26 7.96 -16.91
CA TYR A 459 -12.59 6.75 -16.44
C TYR A 459 -11.53 7.18 -15.42
N PHE A 460 -11.10 6.25 -14.57
CA PHE A 460 -10.06 6.56 -13.59
C PHE A 460 -9.19 5.33 -13.32
N ILE A 461 -7.98 5.57 -12.83
CA ILE A 461 -7.06 4.48 -12.45
C ILE A 461 -6.81 4.78 -10.97
N GLY A 462 -7.24 3.85 -10.10
CA GLY A 462 -7.08 4.05 -8.67
C GLY A 462 -5.73 3.54 -8.19
N VAL A 463 -5.17 4.28 -7.25
CA VAL A 463 -3.88 3.96 -6.65
C VAL A 463 -4.00 3.90 -5.12
N LEU A 464 -4.12 2.68 -4.58
CA LEU A 464 -4.25 2.46 -3.13
C LEU A 464 -2.89 2.40 -2.45
N ASP A 465 -2.69 3.31 -1.51
CA ASP A 465 -1.46 3.38 -0.78
C ASP A 465 -1.78 3.42 0.71
N ILE A 466 -1.73 2.26 1.37
CA ILE A 466 -2.07 2.17 2.78
C ILE A 466 -0.87 2.13 3.71
N SER A 467 -1.17 2.13 5.00
CA SER A 467 -0.19 1.86 6.04
C SER A 467 0.10 0.39 6.06
N GLY A 468 1.35 0.01 5.87
CA GLY A 468 1.70 -1.40 5.96
C GLY A 468 1.64 -2.13 7.29
N PHE A 469 1.69 -3.45 7.21
CA PHE A 469 1.65 -4.29 8.37
C PHE A 469 2.84 -3.92 9.28
N GLU A 470 2.55 -3.79 10.57
CA GLU A 470 3.56 -3.39 11.56
C GLU A 470 3.37 -4.12 12.87
N ILE A 471 4.48 -4.34 13.57
CA ILE A 471 4.47 -5.02 14.86
C ILE A 471 5.44 -4.32 15.81
N PHE A 472 4.89 -3.43 16.62
CA PHE A 472 5.71 -2.70 17.58
C PHE A 472 5.67 -3.48 18.89
N LYS A 473 6.44 -3.05 19.90
CA LYS A 473 6.41 -3.77 21.17
C LYS A 473 5.06 -3.65 21.86
N VAL A 474 4.41 -2.50 21.73
CA VAL A 474 3.08 -2.30 22.34
C VAL A 474 2.20 -2.04 21.14
N ASN A 475 1.28 -2.95 20.88
CA ASN A 475 0.37 -2.82 19.73
C ASN A 475 -1.05 -2.53 20.22
N SER A 476 -1.59 -1.39 19.79
CA SER A 476 -2.91 -0.99 20.25
C SER A 476 -4.02 -1.11 19.20
N PHE A 477 -5.05 -0.28 19.37
CA PHE A 477 -6.19 -0.31 18.47
C PHE A 477 -5.76 0.08 17.06
N GLU A 478 -4.92 1.10 16.93
CA GLU A 478 -4.52 1.51 15.62
C GLU A 478 -3.86 0.36 14.89
N GLN A 479 -2.96 -0.35 15.57
CA GLN A 479 -2.26 -1.47 14.95
C GLN A 479 -3.16 -2.63 14.55
N LEU A 480 -4.30 -2.78 15.24
CA LEU A 480 -5.23 -3.85 14.91
C LEU A 480 -5.97 -3.49 13.63
N CYS A 481 -6.32 -2.22 13.53
CA CYS A 481 -7.02 -1.70 12.37
C CYS A 481 -6.10 -1.76 11.18
N ILE A 482 -4.85 -1.34 11.36
CA ILE A 482 -3.86 -1.38 10.28
C ILE A 482 -3.67 -2.79 9.73
N ASN A 483 -3.34 -3.75 10.61
CA ASN A 483 -3.12 -5.13 10.16
C ASN A 483 -4.37 -5.80 9.63
N TYR A 484 -5.52 -5.37 10.15
CA TYR A 484 -6.79 -5.90 9.70
C TYR A 484 -6.89 -5.58 8.20
N THR A 485 -6.55 -4.33 7.85
CA THR A 485 -6.57 -3.88 6.46
C THR A 485 -5.58 -4.67 5.59
N ASN A 486 -4.31 -4.72 6.01
CA ASN A 486 -3.26 -5.46 5.29
C ASN A 486 -3.66 -6.91 5.03
N GLU A 487 -4.52 -7.44 5.89
CA GLU A 487 -5.02 -8.81 5.80
C GLU A 487 -6.15 -8.83 4.77
N LYS A 488 -6.90 -7.75 4.71
CA LYS A 488 -8.02 -7.63 3.78
C LYS A 488 -7.50 -7.48 2.34
N LEU A 489 -6.46 -6.68 2.16
CA LEU A 489 -5.89 -6.47 0.84
C LEU A 489 -5.25 -7.77 0.32
N GLN A 490 -4.60 -8.49 1.23
CA GLN A 490 -3.93 -9.75 0.92
C GLN A 490 -4.91 -10.76 0.36
N GLN A 491 -6.08 -10.83 1.00
CA GLN A 491 -7.10 -11.75 0.57
C GLN A 491 -7.62 -11.27 -0.80
N PHE A 492 -7.60 -9.95 -1.03
CA PHE A 492 -8.09 -9.40 -2.30
C PHE A 492 -7.23 -9.98 -3.43
N PHE A 493 -5.95 -10.15 -3.16
CA PHE A 493 -5.02 -10.69 -4.12
C PHE A 493 -5.33 -12.18 -4.29
N ASN A 494 -5.39 -12.93 -3.18
CA ASN A 494 -5.68 -14.35 -3.27
C ASN A 494 -6.90 -14.55 -4.13
N HIS A 495 -8.02 -14.00 -3.68
CA HIS A 495 -9.28 -14.14 -4.41
C HIS A 495 -9.09 -14.03 -5.92
N HIS A 496 -8.69 -12.84 -6.37
CA HIS A 496 -8.47 -12.57 -7.80
C HIS A 496 -7.49 -13.54 -8.48
N MET A 497 -6.43 -13.89 -7.77
CA MET A 497 -5.40 -14.76 -8.30
C MET A 497 -5.71 -16.24 -8.43
N PHE A 498 -6.39 -16.78 -7.42
CA PHE A 498 -6.71 -18.19 -7.39
C PHE A 498 -8.23 -18.50 -7.38
N LYS A 499 -9.01 -17.77 -6.58
CA LYS A 499 -10.46 -17.97 -6.47
C LYS A 499 -11.22 -17.63 -7.75
N LEU A 500 -11.22 -16.36 -8.12
CA LEU A 500 -11.91 -15.96 -9.34
C LEU A 500 -11.35 -16.76 -10.52
N GLU A 501 -10.03 -16.73 -10.68
CA GLU A 501 -9.36 -17.42 -11.76
C GLU A 501 -9.82 -18.86 -11.94
N GLN A 502 -9.63 -19.68 -10.91
CA GLN A 502 -10.03 -21.07 -11.00
C GLN A 502 -11.53 -21.17 -11.23
N GLU A 503 -12.29 -20.29 -10.58
CA GLU A 503 -13.75 -20.29 -10.74
C GLU A 503 -14.12 -20.07 -12.19
N GLU A 504 -13.25 -19.38 -12.92
CA GLU A 504 -13.50 -19.12 -14.33
C GLU A 504 -13.24 -20.42 -15.07
N TYR A 505 -12.28 -21.22 -14.66
CA TYR A 505 -11.98 -22.45 -15.40
C TYR A 505 -12.92 -23.59 -15.21
N LEU A 506 -13.51 -23.66 -14.05
CA LEU A 506 -14.60 -24.56 -13.86
C LEU A 506 -15.87 -24.75 -14.56
N LYS A 507 -16.32 -23.72 -15.26
CA LYS A 507 -17.61 -23.76 -15.94
C LYS A 507 -17.43 -23.92 -17.45
N GLU A 508 -16.58 -23.08 -18.03
CA GLU A 508 -15.92 -23.41 -19.28
C GLU A 508 -15.72 -24.92 -19.39
N LYS A 509 -15.64 -25.57 -18.24
CA LYS A 509 -15.54 -27.03 -18.20
C LYS A 509 -14.26 -27.41 -18.92
N ILE A 510 -13.24 -26.56 -18.81
CA ILE A 510 -11.99 -26.74 -19.56
C ILE A 510 -11.24 -27.98 -19.04
N ASN A 511 -11.83 -28.65 -18.05
CA ASN A 511 -11.21 -29.83 -17.47
C ASN A 511 -10.02 -29.42 -16.62
N TRP A 512 -10.28 -28.52 -15.67
CA TRP A 512 -9.26 -28.02 -14.76
C TRP A 512 -9.39 -28.70 -13.41
N THR A 513 -8.38 -29.46 -13.02
CA THR A 513 -8.37 -30.14 -11.73
C THR A 513 -8.12 -29.05 -10.67
N PHE A 514 -9.09 -28.81 -9.81
CA PHE A 514 -8.96 -27.76 -8.79
C PHE A 514 -7.68 -27.84 -7.94
N ILE A 515 -7.08 -26.69 -7.66
CA ILE A 515 -5.87 -26.64 -6.86
C ILE A 515 -6.09 -25.80 -5.62
N ASP A 516 -5.64 -26.28 -4.47
CA ASP A 516 -5.76 -25.48 -3.27
C ASP A 516 -4.36 -25.01 -2.93
N PHE A 517 -4.09 -23.76 -3.28
CA PHE A 517 -2.80 -23.12 -3.05
C PHE A 517 -2.61 -22.76 -1.57
N GLY A 518 -3.42 -23.35 -0.69
CA GLY A 518 -3.32 -23.11 0.74
C GLY A 518 -3.21 -21.67 1.21
N LEU A 519 -3.81 -20.74 0.47
CA LEU A 519 -3.82 -19.31 0.82
C LEU A 519 -5.24 -18.81 0.98
N ASP A 520 -5.61 -18.51 2.23
CA ASP A 520 -6.94 -18.04 2.55
C ASP A 520 -7.00 -17.63 4.02
N SER A 521 -7.05 -16.32 4.26
CA SER A 521 -7.10 -15.79 5.62
C SER A 521 -8.49 -15.28 5.97
N GLN A 522 -9.49 -16.06 5.64
CA GLN A 522 -10.86 -15.67 5.91
C GLN A 522 -11.12 -15.84 7.42
N ALA A 523 -10.57 -16.89 8.00
CA ALA A 523 -10.75 -17.12 9.41
C ALA A 523 -10.27 -15.90 10.22
N THR A 524 -9.09 -15.35 9.88
CA THR A 524 -8.53 -14.20 10.58
C THR A 524 -9.35 -12.93 10.32
N ILE A 525 -9.77 -12.75 9.07
CA ILE A 525 -10.56 -11.60 8.74
C ILE A 525 -11.91 -11.70 9.47
N ASP A 526 -12.41 -12.92 9.67
CA ASP A 526 -13.70 -13.11 10.36
C ASP A 526 -13.66 -12.83 11.86
N LEU A 527 -12.59 -13.29 12.50
CA LEU A 527 -12.36 -13.09 13.92
C LEU A 527 -12.29 -11.60 14.30
N ILE A 528 -12.14 -10.73 13.30
CA ILE A 528 -12.05 -9.31 13.56
C ILE A 528 -13.32 -8.53 13.23
N ASP A 529 -13.82 -8.63 12.00
CA ASP A 529 -15.01 -7.88 11.60
C ASP A 529 -16.31 -8.67 11.48
N GLY A 530 -16.29 -9.96 11.81
CA GLY A 530 -17.52 -10.75 11.70
C GLY A 530 -18.61 -10.23 12.62
N ARG A 531 -19.87 -10.32 12.19
CA ARG A 531 -20.96 -9.84 13.04
C ARG A 531 -21.69 -10.99 13.72
N GLN A 532 -22.09 -11.99 12.97
CA GLN A 532 -22.69 -13.20 13.51
C GLN A 532 -22.09 -14.54 13.05
N PRO A 533 -21.32 -15.13 13.93
CA PRO A 533 -21.22 -14.64 15.28
C PRO A 533 -20.24 -13.50 15.46
N PRO A 534 -20.42 -12.68 16.49
CA PRO A 534 -19.60 -11.49 16.79
C PRO A 534 -18.06 -11.65 16.90
N GLY A 535 -17.33 -10.96 16.02
CA GLY A 535 -15.88 -11.00 16.03
C GLY A 535 -15.36 -10.01 17.06
N ILE A 536 -14.11 -9.60 16.96
CA ILE A 536 -13.54 -8.69 17.94
C ILE A 536 -14.13 -7.28 17.93
N LEU A 537 -14.22 -6.67 16.75
CA LEU A 537 -14.76 -5.34 16.59
C LEU A 537 -16.23 -5.27 16.96
N ALA A 538 -16.91 -6.42 17.02
CA ALA A 538 -18.34 -6.43 17.39
C ALA A 538 -18.51 -6.27 18.89
N LEU A 539 -17.87 -7.18 19.63
CA LEU A 539 -17.89 -7.20 21.09
C LEU A 539 -17.32 -5.86 21.59
N LEU A 540 -16.30 -5.37 20.90
CA LEU A 540 -15.68 -4.10 21.26
C LEU A 540 -16.72 -2.98 21.22
N ASP A 541 -17.48 -2.93 20.12
CA ASP A 541 -18.49 -1.91 19.95
C ASP A 541 -19.57 -2.06 21.00
N GLU A 542 -19.95 -3.31 21.24
CA GLU A 542 -20.98 -3.65 22.22
C GLU A 542 -20.52 -3.22 23.60
N GLN A 543 -19.24 -3.43 23.90
CA GLN A 543 -18.69 -3.03 25.19
C GLN A 543 -18.65 -1.52 25.24
N SER A 544 -18.48 -0.92 24.07
CA SER A 544 -18.41 0.52 23.95
C SER A 544 -19.71 1.23 24.26
N VAL A 545 -20.82 0.49 24.32
CA VAL A 545 -22.11 1.09 24.64
C VAL A 545 -22.68 0.78 26.00
N PHE A 546 -22.05 -0.14 26.73
CA PHE A 546 -22.48 -0.56 28.07
C PHE A 546 -21.86 0.36 29.12
N PRO A 547 -22.69 1.06 29.91
CA PRO A 547 -22.33 2.01 31.00
C PRO A 547 -21.17 1.65 31.97
N ASN A 548 -21.25 0.50 32.62
CA ASN A 548 -20.24 0.04 33.58
C ASN A 548 -19.22 -0.91 32.93
N ALA A 549 -18.83 -0.58 31.70
CA ALA A 549 -17.88 -1.41 30.97
C ALA A 549 -16.47 -0.86 31.19
N THR A 550 -15.49 -1.77 31.23
CA THR A 550 -14.09 -1.40 31.45
C THR A 550 -13.18 -2.22 30.54
N ASP A 551 -11.91 -1.85 30.48
CA ASP A 551 -10.98 -2.59 29.64
C ASP A 551 -10.94 -4.02 30.08
N ASN A 552 -11.02 -4.22 31.39
CA ASN A 552 -10.99 -5.56 31.94
C ASN A 552 -12.23 -6.34 31.48
N THR A 553 -13.40 -5.74 31.59
CA THR A 553 -14.62 -6.42 31.19
C THR A 553 -14.50 -6.77 29.72
N LEU A 554 -13.76 -5.97 28.98
CA LEU A 554 -13.61 -6.20 27.54
C LEU A 554 -12.71 -7.35 27.11
N ILE A 555 -11.49 -7.41 27.64
CA ILE A 555 -10.58 -8.47 27.24
C ILE A 555 -11.17 -9.78 27.70
N THR A 556 -11.82 -9.75 28.87
CA THR A 556 -12.43 -10.95 29.44
C THR A 556 -13.53 -11.49 28.55
N LYS A 557 -14.26 -10.57 27.91
CA LYS A 557 -15.33 -10.96 27.02
C LYS A 557 -14.68 -11.57 25.80
N LEU A 558 -13.65 -10.91 25.28
CA LEU A 558 -12.93 -11.40 24.11
C LEU A 558 -12.45 -12.79 24.41
N HIS A 559 -11.74 -12.93 25.53
CA HIS A 559 -11.22 -14.23 25.93
C HIS A 559 -12.35 -15.23 25.95
N SER A 560 -13.40 -14.86 26.67
CA SER A 560 -14.58 -15.69 26.83
C SER A 560 -15.07 -16.29 25.51
N HIS A 561 -15.12 -15.46 24.49
CA HIS A 561 -15.58 -15.83 23.16
C HIS A 561 -14.60 -16.59 22.30
N PHE A 562 -13.32 -16.27 22.43
CA PHE A 562 -12.36 -16.89 21.54
C PHE A 562 -11.24 -17.73 22.12
N SER A 563 -10.91 -17.53 23.39
CA SER A 563 -9.83 -18.31 23.97
C SER A 563 -10.13 -19.80 23.90
N LYS A 564 -9.20 -20.54 23.33
CA LYS A 564 -9.32 -22.00 23.21
C LYS A 564 -10.53 -22.41 22.39
N LYS A 565 -11.06 -21.45 21.62
CA LYS A 565 -12.20 -21.67 20.74
C LYS A 565 -11.85 -21.32 19.30
N ASN A 566 -11.24 -20.15 19.09
CA ASN A 566 -10.86 -19.71 17.74
C ASN A 566 -9.38 -19.98 17.46
N ALA A 567 -9.11 -20.60 16.31
CA ALA A 567 -7.75 -20.94 15.91
C ALA A 567 -6.82 -19.76 15.60
N LYS A 568 -7.38 -18.64 15.18
CA LYS A 568 -6.56 -17.46 14.89
C LYS A 568 -6.38 -16.61 16.16
N TYR A 569 -7.05 -17.03 17.24
CA TYR A 569 -6.99 -16.30 18.50
C TYR A 569 -6.22 -17.05 19.57
N GLU A 570 -5.68 -16.27 20.52
CA GLU A 570 -4.92 -16.81 21.64
C GLU A 570 -4.97 -15.98 22.92
N GLU A 571 -5.21 -16.66 24.04
CA GLU A 571 -5.21 -15.99 25.32
C GLU A 571 -3.80 -16.28 25.88
N PRO A 572 -3.00 -15.23 26.07
CA PRO A 572 -1.66 -15.47 26.60
C PRO A 572 -1.68 -15.94 28.06
N ARG A 573 -0.62 -16.63 28.48
CA ARG A 573 -0.54 -17.10 29.85
C ARG A 573 0.29 -16.15 30.68
N PHE A 574 0.99 -15.26 29.99
CA PHE A 574 1.88 -14.29 30.62
C PHE A 574 1.29 -12.90 30.79
N SER A 575 0.03 -12.73 30.42
CA SER A 575 -0.61 -11.43 30.55
C SER A 575 -2.13 -11.52 30.69
N LYS A 576 -2.73 -10.48 31.29
CA LYS A 576 -4.18 -10.43 31.48
C LYS A 576 -4.78 -9.20 30.82
N THR A 577 -4.03 -8.61 29.90
CA THR A 577 -4.48 -7.42 29.20
C THR A 577 -4.15 -7.47 27.72
N GLU A 578 -3.51 -8.56 27.29
CA GLU A 578 -3.12 -8.77 25.89
C GLU A 578 -3.77 -10.02 25.28
N PHE A 579 -4.17 -9.92 24.01
CA PHE A 579 -4.76 -11.05 23.30
C PHE A 579 -4.00 -11.15 21.97
N GLY A 580 -3.72 -12.36 21.49
CA GLY A 580 -2.99 -12.51 20.26
C GLY A 580 -3.84 -12.94 19.07
N VAL A 581 -3.55 -12.36 17.91
CA VAL A 581 -4.25 -12.67 16.67
C VAL A 581 -3.22 -13.21 15.69
N THR A 582 -3.56 -14.27 14.98
CA THR A 582 -2.61 -14.80 14.04
C THR A 582 -2.88 -14.24 12.64
N HIS A 583 -2.01 -13.33 12.18
CA HIS A 583 -2.15 -12.70 10.87
C HIS A 583 -1.32 -13.43 9.85
N TYR A 584 -1.58 -13.15 8.57
CA TYR A 584 -0.89 -13.82 7.47
C TYR A 584 0.58 -13.47 7.49
N ALA A 585 0.86 -12.33 8.10
CA ALA A 585 2.23 -11.84 8.18
C ALA A 585 2.81 -12.21 9.52
N GLY A 586 2.04 -12.91 10.33
CA GLY A 586 2.52 -13.31 11.63
C GLY A 586 1.60 -12.95 12.75
N GLN A 587 1.84 -13.61 13.88
CA GLN A 587 1.04 -13.37 15.05
C GLN A 587 1.33 -11.99 15.68
N VAL A 588 0.29 -11.31 16.14
CA VAL A 588 0.47 -10.00 16.78
C VAL A 588 -0.27 -9.93 18.13
N MET A 589 0.48 -9.61 19.19
CA MET A 589 -0.08 -9.51 20.54
C MET A 589 -0.53 -8.09 20.78
N TYR A 590 -1.82 -7.93 21.06
CA TYR A 590 -2.40 -6.61 21.27
C TYR A 590 -2.72 -6.32 22.73
N GLU A 591 -2.34 -5.11 23.14
CA GLU A 591 -2.59 -4.60 24.48
C GLU A 591 -3.95 -3.95 24.35
N ILE A 592 -4.89 -4.32 25.23
CA ILE A 592 -6.26 -3.80 25.19
C ILE A 592 -6.46 -2.47 25.90
N GLN A 593 -5.42 -1.97 26.57
CA GLN A 593 -5.51 -0.73 27.32
C GLN A 593 -5.98 0.46 26.47
N ASP A 594 -6.97 1.21 26.97
CA ASP A 594 -7.51 2.39 26.28
C ASP A 594 -8.43 2.13 25.07
N TRP A 595 -8.61 0.88 24.67
CA TRP A 595 -9.46 0.60 23.51
C TRP A 595 -10.86 1.18 23.59
N LEU A 596 -11.45 1.21 24.79
CA LEU A 596 -12.80 1.76 24.87
C LEU A 596 -12.88 3.23 24.49
N GLU A 597 -12.17 4.08 25.23
CA GLU A 597 -12.15 5.51 24.97
C GLU A 597 -11.58 5.82 23.59
N LYS A 598 -10.77 4.91 23.06
CA LYS A 598 -10.21 5.12 21.73
C LYS A 598 -11.31 4.87 20.71
N ASN A 599 -12.08 3.82 20.95
CA ASN A 599 -13.13 3.52 20.00
C ASN A 599 -14.32 4.49 20.08
N LYS A 600 -14.54 5.04 21.27
CA LYS A 600 -15.63 5.96 21.50
C LYS A 600 -15.29 7.33 20.97
N ASP A 601 -14.01 7.69 21.08
CA ASP A 601 -13.65 9.02 20.62
C ASP A 601 -14.38 10.21 21.24
N PRO A 602 -14.32 10.32 22.57
CA PRO A 602 -14.96 11.40 23.34
C PRO A 602 -14.31 12.79 23.27
N LEU A 603 -15.15 13.82 23.41
CA LEU A 603 -14.71 15.22 23.42
C LEU A 603 -15.83 16.03 24.07
N GLN A 604 -15.50 16.81 25.10
CA GLN A 604 -16.47 17.62 25.82
C GLN A 604 -17.16 18.64 24.93
N GLN A 605 -18.49 18.67 25.00
CA GLN A 605 -19.22 19.62 24.19
C GLN A 605 -18.80 21.07 24.48
N ASP A 606 -18.44 21.37 25.73
CA ASP A 606 -18.03 22.73 26.07
C ASP A 606 -16.80 23.18 25.31
N LEU A 607 -15.92 22.22 24.98
CA LEU A 607 -14.71 22.55 24.22
C LEU A 607 -15.18 22.83 22.82
N GLU A 608 -16.01 21.92 22.29
CA GLU A 608 -16.52 22.07 20.93
C GLU A 608 -17.31 23.37 20.88
N LEU A 609 -17.91 23.72 22.01
CA LEU A 609 -18.70 24.95 22.16
C LEU A 609 -17.76 26.14 22.30
N CYS A 610 -16.51 25.85 22.66
CA CYS A 610 -15.53 26.88 22.84
C CYS A 610 -14.81 27.22 21.54
N PHE A 611 -14.69 26.26 20.63
CA PHE A 611 -13.99 26.53 19.38
C PHE A 611 -14.83 27.08 18.25
N LYS A 612 -16.12 26.76 18.26
CA LYS A 612 -17.05 27.25 17.25
C LYS A 612 -17.00 28.77 17.38
N ASP A 613 -16.69 29.23 18.59
CA ASP A 613 -16.60 30.63 18.91
C ASP A 613 -15.24 31.23 18.58
N SER A 614 -14.54 30.61 17.64
CA SER A 614 -13.21 31.06 17.22
C SER A 614 -13.22 32.19 16.19
N SER A 615 -12.33 33.16 16.39
CA SER A 615 -12.19 34.30 15.49
C SER A 615 -11.52 33.86 14.18
N ASP A 616 -10.64 32.87 14.27
CA ASP A 616 -9.93 32.38 13.10
C ASP A 616 -10.86 31.63 12.16
N ASN A 617 -10.91 32.09 10.91
CA ASN A 617 -11.77 31.52 9.87
C ASN A 617 -11.46 30.08 9.50
N VAL A 618 -10.28 29.60 9.84
CA VAL A 618 -9.92 28.22 9.55
C VAL A 618 -10.39 27.31 10.69
N VAL A 619 -10.04 27.67 11.92
CA VAL A 619 -10.46 26.90 13.10
C VAL A 619 -11.99 26.79 13.15
N THR A 620 -12.66 27.93 13.06
CA THR A 620 -14.13 27.93 13.08
C THR A 620 -14.72 26.84 12.22
N LYS A 621 -14.22 26.73 10.99
CA LYS A 621 -14.70 25.73 10.05
C LYS A 621 -14.58 24.31 10.60
N LEU A 622 -13.45 24.01 11.25
CA LEU A 622 -13.25 22.68 11.78
C LEU A 622 -14.36 22.26 12.75
N PHE A 623 -14.88 23.21 13.53
CA PHE A 623 -15.94 22.91 14.48
C PHE A 623 -17.35 23.24 14.01
N ASN A 624 -17.48 23.92 12.87
CA ASN A 624 -18.79 24.28 12.34
C ASN A 624 -19.21 23.53 11.08
N ASP A 625 -18.25 23.19 10.22
CA ASP A 625 -18.59 22.46 9.01
C ASP A 625 -19.08 21.08 9.41
N PRO A 626 -20.33 20.75 9.07
CA PRO A 626 -21.01 19.48 9.36
C PRO A 626 -20.23 18.22 8.93
N ASN A 627 -19.65 18.27 7.74
CA ASN A 627 -18.84 17.17 7.23
C ASN A 627 -17.43 17.17 7.83
N ILE A 628 -17.20 18.07 8.78
CA ILE A 628 -15.93 18.11 9.49
C ILE A 628 -16.13 17.88 10.99
N ALA A 629 -17.18 18.49 11.54
CA ALA A 629 -17.37 18.55 12.99
C ALA A 629 -18.43 17.57 13.44
N SER A 630 -19.30 17.17 12.52
CA SER A 630 -20.43 16.29 12.86
C SER A 630 -19.97 14.86 13.05
N ARG A 631 -20.92 13.99 13.40
CA ARG A 631 -20.60 12.59 13.61
C ARG A 631 -21.91 11.82 13.61
N ALA A 632 -21.96 10.79 12.76
CA ALA A 632 -23.12 9.95 12.63
C ALA A 632 -23.59 9.46 13.99
N LYS A 633 -24.89 9.17 14.10
CA LYS A 633 -25.45 8.70 15.37
C LYS A 633 -26.03 7.31 15.17
N LYS A 634 -25.54 6.36 15.94
CA LYS A 634 -26.00 4.98 15.85
C LYS A 634 -27.07 4.76 16.91
N GLY A 635 -28.29 5.22 16.62
CA GLY A 635 -29.37 5.06 17.57
C GLY A 635 -29.25 6.04 18.72
N ALA A 636 -28.81 5.55 19.87
CA ALA A 636 -28.69 6.40 21.05
C ALA A 636 -27.30 7.00 21.27
N ASN A 637 -26.33 6.56 20.50
CA ASN A 637 -24.95 7.05 20.61
C ASN A 637 -24.45 7.43 19.22
N PHE A 638 -23.21 7.87 19.14
CA PHE A 638 -22.62 8.24 17.87
C PHE A 638 -21.97 6.98 17.32
N ILE A 639 -21.67 7.00 16.02
CA ILE A 639 -21.04 5.86 15.39
C ILE A 639 -19.60 5.70 15.92
N THR A 640 -19.19 4.46 16.17
CA THR A 640 -17.85 4.17 16.67
C THR A 640 -16.76 4.16 15.61
N VAL A 641 -15.54 4.34 16.06
CA VAL A 641 -14.39 4.35 15.17
C VAL A 641 -14.35 3.04 14.39
N ALA A 642 -14.40 1.94 15.14
CA ALA A 642 -14.39 0.60 14.59
C ALA A 642 -15.51 0.35 13.57
N ALA A 643 -16.65 1.01 13.75
CA ALA A 643 -17.79 0.85 12.85
C ALA A 643 -17.69 1.66 11.55
N GLN A 644 -17.24 2.92 11.61
CA GLN A 644 -17.14 3.68 10.37
C GLN A 644 -16.02 3.14 9.48
N TYR A 645 -14.88 2.81 10.08
CA TYR A 645 -13.76 2.28 9.29
C TYR A 645 -14.16 1.00 8.57
N LYS A 646 -14.79 0.08 9.31
CA LYS A 646 -15.23 -1.15 8.70
C LYS A 646 -16.09 -0.77 7.51
N GLU A 647 -16.88 0.27 7.69
CA GLU A 647 -17.77 0.81 6.68
C GLU A 647 -16.99 1.46 5.54
N GLN A 648 -16.05 2.34 5.86
CA GLN A 648 -15.26 3.01 4.83
C GLN A 648 -14.52 1.95 4.06
N LEU A 649 -13.90 1.02 4.78
CA LEU A 649 -13.16 -0.02 4.11
C LEU A 649 -14.05 -0.76 3.15
N ALA A 650 -15.18 -1.26 3.65
CA ALA A 650 -16.10 -2.04 2.83
C ALA A 650 -16.50 -1.31 1.56
N SER A 651 -16.54 0.01 1.67
CA SER A 651 -16.91 0.84 0.55
C SER A 651 -15.77 0.82 -0.49
N LEU A 652 -14.53 0.93 -0.02
CA LEU A 652 -13.39 0.90 -0.92
C LEU A 652 -13.36 -0.43 -1.65
N MET A 653 -13.34 -1.51 -0.87
CA MET A 653 -13.29 -2.88 -1.44
C MET A 653 -14.39 -3.07 -2.46
N ALA A 654 -15.46 -2.32 -2.29
CA ALA A 654 -16.60 -2.36 -3.19
C ALA A 654 -16.14 -1.62 -4.46
N THR A 655 -15.53 -0.45 -4.27
CA THR A 655 -15.02 0.33 -5.40
C THR A 655 -13.94 -0.48 -6.12
N LEU A 656 -13.02 -1.06 -5.36
CA LEU A 656 -11.96 -1.88 -5.93
C LEU A 656 -12.48 -3.02 -6.78
N GLU A 657 -13.39 -3.81 -6.21
CA GLU A 657 -13.97 -4.95 -6.92
C GLU A 657 -14.54 -4.59 -8.29
N THR A 658 -14.88 -3.33 -8.49
CA THR A 658 -15.45 -2.97 -9.79
C THR A 658 -14.41 -2.59 -10.85
N THR A 659 -13.14 -2.84 -10.57
CA THR A 659 -12.09 -2.50 -11.53
C THR A 659 -11.23 -3.71 -11.88
N ASN A 660 -10.32 -3.50 -12.84
CA ASN A 660 -9.38 -4.53 -13.26
C ASN A 660 -8.11 -4.15 -12.48
N PRO A 661 -7.69 -4.99 -11.48
CA PRO A 661 -6.53 -4.81 -10.58
C PRO A 661 -5.12 -5.20 -11.06
N HIS A 662 -4.16 -4.35 -10.72
CA HIS A 662 -2.76 -4.59 -11.05
C HIS A 662 -1.96 -4.58 -9.72
N PHE A 663 -1.34 -5.72 -9.39
CA PHE A 663 -0.59 -5.91 -8.14
C PHE A 663 0.89 -5.65 -8.21
N VAL A 664 1.41 -5.11 -7.11
CA VAL A 664 2.81 -4.79 -7.00
C VAL A 664 3.14 -5.17 -5.57
N ARG A 665 3.93 -6.20 -5.41
CA ARG A 665 4.31 -6.63 -4.06
C ARG A 665 5.68 -6.01 -3.70
N CYS A 666 5.68 -5.01 -2.80
CA CYS A 666 6.94 -4.37 -2.36
C CYS A 666 7.59 -5.22 -1.24
N ILE A 667 8.90 -5.45 -1.31
CA ILE A 667 9.61 -6.27 -0.32
C ILE A 667 10.74 -5.52 0.39
N ILE A 668 10.69 -5.52 1.73
CA ILE A 668 11.70 -4.84 2.54
C ILE A 668 12.88 -5.84 2.54
N PRO A 669 14.12 -5.36 2.29
CA PRO A 669 15.31 -6.23 2.25
C PRO A 669 15.80 -6.72 3.62
N ASN A 670 15.88 -5.79 4.58
CA ASN A 670 16.29 -6.15 5.93
C ASN A 670 15.41 -5.35 6.89
N ASN A 671 15.73 -5.35 8.18
CA ASN A 671 14.94 -4.61 9.18
C ASN A 671 15.75 -3.46 9.78
N LYS A 672 16.84 -3.11 9.10
CA LYS A 672 17.74 -2.03 9.52
C LYS A 672 17.73 -0.81 8.60
N GLN A 673 16.78 -0.75 7.69
CA GLN A 673 16.70 0.36 6.72
C GLN A 673 18.09 0.59 6.12
N LEU A 674 18.73 -0.50 5.70
CA LEU A 674 20.05 -0.45 5.10
C LEU A 674 20.09 -0.96 3.68
N PRO A 675 20.94 -0.35 2.83
CA PRO A 675 21.08 -0.78 1.44
C PRO A 675 22.13 -1.91 1.37
N ALA A 676 22.13 -2.69 0.30
CA ALA A 676 23.08 -3.80 0.12
C ALA A 676 23.19 -4.73 1.32
N LYS A 677 22.03 -5.20 1.78
CA LYS A 677 21.93 -6.10 2.91
C LYS A 677 20.65 -6.90 2.84
N LEU A 678 20.52 -7.70 1.79
CA LEU A 678 19.32 -8.50 1.60
C LEU A 678 19.36 -9.68 2.53
N GLU A 679 18.66 -9.57 3.65
CA GLU A 679 18.61 -10.66 4.62
C GLU A 679 17.61 -11.71 4.07
N ASP A 680 18.02 -12.98 4.04
CA ASP A 680 17.18 -14.05 3.49
C ASP A 680 16.03 -14.62 4.30
N LYS A 681 16.09 -14.54 5.63
CA LYS A 681 14.99 -15.06 6.45
C LYS A 681 13.86 -14.03 6.39
N VAL A 682 14.25 -12.76 6.25
CA VAL A 682 13.32 -11.65 6.14
C VAL A 682 12.58 -11.68 4.80
N VAL A 683 13.35 -11.77 3.71
CA VAL A 683 12.76 -11.79 2.39
C VAL A 683 11.84 -12.99 2.21
N LEU A 684 12.34 -14.18 2.57
CA LEU A 684 11.53 -15.37 2.41
C LEU A 684 10.20 -15.36 3.14
N ASP A 685 10.17 -14.80 4.34
CA ASP A 685 8.90 -14.73 5.07
C ASP A 685 7.86 -14.01 4.17
N GLN A 686 8.22 -12.81 3.75
CA GLN A 686 7.43 -11.94 2.91
C GLN A 686 6.92 -12.60 1.62
N LEU A 687 7.81 -13.32 0.96
CA LEU A 687 7.49 -14.00 -0.27
C LEU A 687 6.54 -15.14 0.07
N ARG A 688 6.71 -15.70 1.26
CA ARG A 688 5.85 -16.79 1.67
C ARG A 688 4.44 -16.28 1.95
N CYS A 689 4.28 -15.47 2.99
CA CYS A 689 2.96 -14.96 3.32
C CYS A 689 2.31 -14.21 2.12
N ASN A 690 3.10 -13.47 1.34
CA ASN A 690 2.58 -12.75 0.17
C ASN A 690 2.01 -13.68 -0.91
N GLY A 691 2.42 -14.95 -0.82
CA GLY A 691 1.98 -15.92 -1.79
C GLY A 691 2.55 -15.65 -3.16
N VAL A 692 3.82 -15.28 -3.23
CA VAL A 692 4.47 -15.01 -4.52
C VAL A 692 4.58 -16.27 -5.37
N LEU A 693 5.28 -17.29 -4.88
CA LEU A 693 5.44 -18.51 -5.66
C LEU A 693 4.09 -19.05 -6.11
N GLU A 694 3.12 -19.07 -5.19
CA GLU A 694 1.77 -19.54 -5.49
C GLU A 694 1.22 -18.70 -6.63
N GLY A 695 1.54 -17.41 -6.60
CA GLY A 695 1.09 -16.49 -7.64
C GLY A 695 1.71 -16.88 -8.96
N ILE A 696 2.89 -17.50 -8.88
CA ILE A 696 3.60 -17.94 -10.09
C ILE A 696 3.16 -19.32 -10.53
N ARG A 697 2.95 -20.24 -9.60
CA ARG A 697 2.53 -21.58 -9.98
C ARG A 697 1.22 -21.55 -10.77
N ILE A 698 0.32 -20.66 -10.37
CA ILE A 698 -0.97 -20.56 -11.02
C ILE A 698 -0.95 -20.05 -12.45
N THR A 699 -0.06 -19.12 -12.75
CA THR A 699 0.06 -18.61 -14.12
C THR A 699 0.73 -19.68 -15.00
N ARG A 700 1.67 -20.43 -14.43
CA ARG A 700 2.37 -21.48 -15.19
C ARG A 700 1.47 -22.69 -15.45
N LYS A 701 0.82 -23.14 -14.39
CA LYS A 701 -0.01 -24.31 -14.43
C LYS A 701 -1.36 -23.99 -15.05
N GLY A 702 -1.60 -22.74 -15.41
CA GLY A 702 -2.88 -22.35 -15.97
C GLY A 702 -2.90 -21.74 -17.35
N PHE A 703 -4.10 -21.55 -17.88
CA PHE A 703 -4.33 -20.84 -19.12
C PHE A 703 -4.93 -19.47 -18.85
N PRO A 704 -4.07 -18.48 -18.69
CA PRO A 704 -4.52 -17.11 -18.37
C PRO A 704 -4.92 -16.28 -19.59
N ASN A 705 -4.68 -16.84 -20.77
CA ASN A 705 -5.02 -16.21 -22.03
C ASN A 705 -6.43 -16.67 -22.40
N ARG A 706 -7.34 -15.73 -22.64
CA ARG A 706 -8.71 -16.10 -22.96
C ARG A 706 -9.56 -15.07 -23.74
N ILE A 707 -10.09 -15.49 -24.88
CA ILE A 707 -10.93 -14.64 -25.72
C ILE A 707 -12.03 -15.41 -26.43
N ILE A 708 -13.22 -14.83 -26.48
CA ILE A 708 -14.32 -15.51 -27.13
C ILE A 708 -14.00 -15.65 -28.61
N TYR A 709 -14.71 -16.54 -29.29
CA TYR A 709 -14.47 -16.79 -30.71
C TYR A 709 -14.88 -15.60 -31.57
N ALA A 710 -15.52 -14.62 -30.95
CA ALA A 710 -15.96 -13.42 -31.65
C ALA A 710 -14.76 -12.51 -31.89
N ASP A 711 -14.02 -12.24 -30.81
CA ASP A 711 -12.83 -11.40 -30.85
C ASP A 711 -11.65 -12.16 -31.42
N PHE A 712 -11.91 -13.40 -31.84
CA PHE A 712 -10.88 -14.25 -32.43
C PHE A 712 -10.56 -13.60 -33.79
N VAL A 713 -11.56 -12.89 -34.30
CA VAL A 713 -11.50 -12.22 -35.60
C VAL A 713 -10.78 -10.87 -35.52
N LYS A 714 -10.24 -10.56 -34.35
CA LYS A 714 -9.61 -9.27 -34.12
C LYS A 714 -8.17 -9.25 -34.62
N ARG A 715 -7.52 -10.42 -34.57
CA ARG A 715 -6.09 -10.51 -34.83
C ARG A 715 -5.71 -11.81 -35.51
N TYR A 716 -6.45 -12.88 -35.21
CA TYR A 716 -6.31 -14.14 -35.93
C TYR A 716 -7.50 -14.38 -36.85
N TYR A 717 -7.31 -14.06 -38.12
CA TYR A 717 -8.42 -14.07 -39.09
C TYR A 717 -8.00 -14.54 -40.47
N LEU A 718 -7.13 -13.77 -41.11
CA LEU A 718 -6.56 -14.15 -42.40
C LEU A 718 -5.39 -15.10 -42.18
N LEU A 719 -5.07 -15.36 -40.91
CA LEU A 719 -3.98 -16.27 -40.56
C LEU A 719 -4.63 -17.18 -41.60
N ALA A 720 -4.00 -18.21 -41.99
CA ALA A 720 -4.43 -19.15 -43.02
C ALA A 720 -4.70 -18.80 -44.49
N PRO A 721 -5.40 -19.69 -45.21
CA PRO A 721 -5.69 -19.41 -46.61
C PRO A 721 -7.02 -18.64 -46.68
N ASN A 722 -8.09 -19.29 -46.21
CA ASN A 722 -9.42 -18.72 -46.31
C ASN A 722 -10.74 -18.47 -45.59
N VAL A 723 -10.74 -17.46 -44.72
CA VAL A 723 -10.98 -17.67 -43.29
C VAL A 723 -10.59 -16.25 -42.88
N PRO A 724 -11.60 -15.43 -42.57
CA PRO A 724 -11.52 -13.99 -42.81
C PRO A 724 -12.09 -13.64 -41.45
N ARG A 725 -12.15 -12.34 -41.19
CA ARG A 725 -12.98 -11.79 -40.13
C ARG A 725 -14.48 -12.10 -40.06
N ASP A 726 -14.99 -12.80 -41.06
CA ASP A 726 -16.40 -13.20 -41.08
C ASP A 726 -16.64 -14.72 -41.08
N ALA A 727 -17.80 -15.11 -40.57
CA ALA A 727 -18.21 -16.50 -40.48
C ALA A 727 -19.43 -16.62 -39.58
N GLU A 728 -20.10 -17.77 -39.66
CA GLU A 728 -21.30 -18.04 -38.87
C GLU A 728 -21.01 -19.09 -37.81
N ASP A 729 -19.76 -19.15 -37.36
CA ASP A 729 -19.32 -20.10 -36.35
C ASP A 729 -17.93 -19.48 -36.32
N SER A 730 -17.24 -19.37 -35.32
CA SER A 730 -15.92 -18.71 -35.30
C SER A 730 -15.31 -19.84 -34.48
N GLN A 731 -16.16 -20.75 -33.98
CA GLN A 731 -15.66 -21.89 -33.20
C GLN A 731 -15.20 -22.94 -34.21
N LYS A 732 -15.60 -22.76 -35.45
CA LYS A 732 -15.26 -23.67 -36.53
C LYS A 732 -13.93 -23.17 -37.06
N ALA A 733 -13.83 -21.85 -37.13
CA ALA A 733 -12.61 -21.20 -37.61
C ALA A 733 -11.42 -21.22 -36.66
N THR A 734 -11.68 -21.63 -35.42
CA THR A 734 -10.67 -21.75 -34.37
C THR A 734 -9.57 -22.76 -34.72
N ASP A 735 -9.95 -24.02 -34.75
CA ASP A 735 -9.03 -25.13 -35.02
C ASP A 735 -8.52 -25.19 -36.45
N ALA A 736 -8.79 -24.13 -37.22
CA ALA A 736 -8.35 -24.10 -38.60
C ALA A 736 -7.29 -23.04 -38.82
N VAL A 737 -7.35 -21.98 -38.01
CA VAL A 737 -6.40 -20.88 -38.10
C VAL A 737 -5.05 -21.23 -37.49
N LEU A 738 -5.05 -21.98 -36.39
CA LEU A 738 -3.83 -22.38 -35.71
C LEU A 738 -3.33 -23.76 -36.16
N LYS A 739 -4.26 -24.60 -36.59
CA LYS A 739 -3.95 -25.96 -37.08
C LYS A 739 -3.13 -25.88 -38.35
N HIS A 740 -3.51 -24.94 -39.22
CA HIS A 740 -2.82 -24.73 -40.47
C HIS A 740 -1.37 -24.46 -40.08
N LEU A 741 -1.22 -23.73 -38.97
CA LEU A 741 0.09 -23.40 -38.42
C LEU A 741 0.44 -24.48 -37.42
N ASN A 742 -0.45 -25.47 -37.30
CA ASN A 742 -0.26 -26.60 -36.38
C ASN A 742 0.30 -26.20 -35.02
N ILE A 743 -0.28 -25.18 -34.39
CA ILE A 743 0.19 -24.76 -33.08
C ILE A 743 -0.22 -25.85 -32.06
N ASP A 744 0.72 -26.28 -31.23
CA ASP A 744 0.47 -27.32 -30.21
C ASP A 744 -0.90 -26.97 -29.60
N PRO A 745 -1.85 -27.92 -29.62
CA PRO A 745 -3.21 -27.73 -29.07
C PRO A 745 -3.21 -28.16 -27.61
N GLU A 746 -2.09 -28.72 -27.16
CA GLU A 746 -1.95 -29.14 -25.78
C GLU A 746 -1.52 -27.90 -25.01
N GLN A 747 -1.40 -26.82 -25.75
CA GLN A 747 -0.99 -25.55 -25.18
C GLN A 747 -2.25 -24.79 -24.80
N TYR A 748 -3.33 -24.98 -25.55
CA TYR A 748 -4.57 -24.30 -25.27
C TYR A 748 -5.65 -25.34 -25.02
N ARG A 749 -6.84 -24.86 -24.70
CA ARG A 749 -7.92 -25.79 -24.43
C ARG A 749 -9.16 -24.95 -24.74
N PHE A 750 -10.09 -25.55 -25.49
CA PHE A 750 -11.19 -24.79 -26.08
C PHE A 750 -12.33 -25.32 -25.22
N GLY A 751 -12.54 -24.62 -24.12
CA GLY A 751 -13.76 -24.69 -23.37
C GLY A 751 -14.66 -23.61 -23.89
N ILE A 752 -15.91 -23.73 -23.53
CA ILE A 752 -17.02 -23.13 -24.30
C ILE A 752 -17.86 -21.91 -24.60
N THR A 753 -17.38 -20.74 -24.18
CA THR A 753 -18.16 -19.51 -24.29
C THR A 753 -16.96 -18.82 -24.93
N LYS A 754 -15.77 -19.20 -24.47
CA LYS A 754 -14.51 -18.72 -25.10
C LYS A 754 -13.42 -19.77 -25.04
N ILE A 755 -12.24 -19.41 -25.55
CA ILE A 755 -11.13 -20.35 -25.58
C ILE A 755 -9.87 -19.88 -24.83
N PHE A 756 -9.28 -20.76 -24.04
CA PHE A 756 -8.09 -20.43 -23.25
C PHE A 756 -6.79 -20.84 -23.93
N PHE A 757 -5.71 -20.16 -23.56
CA PHE A 757 -4.36 -20.45 -24.07
C PHE A 757 -3.45 -20.48 -22.87
N ARG A 758 -2.52 -21.42 -22.83
CA ARG A 758 -1.58 -21.54 -21.73
C ARG A 758 -0.41 -20.65 -21.57
N ALA A 759 -0.13 -20.03 -20.63
CA ALA A 759 1.14 -19.37 -20.36
C ALA A 759 1.72 -18.42 -21.41
N GLY A 760 0.93 -17.46 -21.88
CA GLY A 760 1.44 -16.50 -22.85
C GLY A 760 1.58 -17.24 -24.16
N GLN A 761 0.74 -18.24 -24.40
CA GLN A 761 0.80 -18.99 -25.65
C GLN A 761 0.17 -18.04 -26.68
N LEU A 762 -0.81 -17.25 -26.25
CA LEU A 762 -1.48 -16.31 -27.15
C LEU A 762 -0.45 -15.39 -27.77
N ALA A 763 0.62 -15.15 -27.03
CA ALA A 763 1.71 -14.28 -27.45
C ALA A 763 2.61 -14.90 -28.52
N ARG A 764 3.22 -16.05 -28.23
CA ARG A 764 4.07 -16.70 -29.22
C ARG A 764 3.31 -16.78 -30.54
N ILE A 765 2.05 -17.18 -30.44
CA ILE A 765 1.20 -17.31 -31.61
C ILE A 765 0.82 -15.93 -32.13
N GLU A 766 0.91 -14.95 -31.26
CA GLU A 766 0.61 -13.58 -31.62
C GLU A 766 1.72 -13.10 -32.55
N GLU A 767 2.95 -13.16 -32.06
CA GLU A 767 4.09 -12.73 -32.85
C GLU A 767 4.36 -13.62 -34.05
N ALA A 768 3.72 -14.79 -34.06
CA ALA A 768 3.87 -15.73 -35.16
C ALA A 768 3.40 -14.93 -36.37
N ARG A 769 2.28 -14.22 -36.19
CA ARG A 769 1.69 -13.41 -37.24
C ARG A 769 1.76 -11.90 -37.01
N GLU A 770 2.04 -11.55 -35.77
CA GLU A 770 2.16 -10.16 -35.36
C GLU A 770 3.34 -9.48 -36.05
N GLN A 771 4.56 -9.91 -35.75
CA GLN A 771 5.74 -9.34 -36.38
C GLN A 771 5.92 -10.15 -37.66
N ARG A 772 4.95 -10.00 -38.55
CA ARG A 772 4.94 -10.70 -39.83
C ARG A 772 4.86 -9.66 -40.94
N LEU A 773 6.02 -9.18 -41.39
CA LEU A 773 6.03 -8.21 -42.46
C LEU A 773 6.07 -8.95 -43.81
N GLU A 774 6.12 -10.27 -43.75
CA GLU A 774 6.20 -11.08 -44.95
C GLU A 774 5.00 -10.98 -45.88
N SER A 775 3.79 -11.08 -45.34
CA SER A 775 2.62 -10.83 -46.18
C SER A 775 1.68 -9.78 -45.58
N ASN A 776 2.18 -9.08 -44.57
CA ASN A 776 1.35 -8.23 -43.74
C ASN A 776 0.74 -7.03 -44.47
N GLU A 777 1.51 -6.40 -45.36
CA GLU A 777 0.95 -5.67 -46.49
C GLU A 777 1.75 -5.49 -47.74
N PRO A 778 2.86 -6.26 -47.78
CA PRO A 778 3.69 -6.49 -48.96
C PRO A 778 3.40 -7.73 -49.81
N PRO A 779 2.18 -8.27 -49.69
CA PRO A 779 1.31 -8.52 -50.85
C PRO A 779 0.24 -7.44 -51.00
N MET A 780 0.59 -6.39 -51.72
CA MET A 780 -0.15 -5.98 -52.90
C MET A 780 0.70 -6.13 -54.15
N ASP A 781 2.00 -6.32 -53.96
CA ASP A 781 2.94 -5.61 -54.79
C ASP A 781 3.52 -6.49 -55.89
N PHE A 782 3.07 -7.73 -55.97
CA PHE A 782 3.77 -8.75 -56.73
C PHE A 782 3.41 -8.81 -58.22
N ASP A 783 2.12 -8.84 -58.48
CA ASP A 783 1.61 -8.83 -59.85
C ASP A 783 0.56 -7.72 -59.87
N ASP A 784 1.07 -6.50 -59.93
CA ASP A 784 0.33 -5.32 -59.54
C ASP A 784 -0.39 -4.99 -60.84
N ASP A 785 -0.54 -3.67 -61.04
CA ASP A 785 -0.44 -3.21 -62.43
C ASP A 785 0.90 -3.31 -63.11
N ILE A 786 1.87 -3.87 -62.39
CA ILE A 786 3.03 -4.47 -63.03
C ILE A 786 2.87 -5.45 -64.19
N PRO A 787 1.86 -6.31 -64.13
CA PRO A 787 1.17 -6.76 -65.34
C PRO A 787 0.54 -5.57 -66.04
N PHE A 788 0.52 -5.55 -67.37
CA PHE A 788 0.57 -4.29 -68.12
C PHE A 788 -0.19 -3.17 -67.42
VG AD9 B . 4.59 2.63 5.94
O1G AD9 B . 3.91 1.20 6.05
O2G AD9 B . 3.36 3.82 6.01
O3G AD9 B . 5.73 2.87 7.27
PB AD9 B . 5.84 2.16 2.81
O1B AD9 B . 5.07 3.16 1.68
O2B AD9 B . 5.72 0.63 2.50
O3B AD9 B . 5.33 2.67 4.27
PA AD9 B . 8.08 3.91 1.64
O1A AD9 B . 7.66 3.88 0.15
O2A AD9 B . 7.64 5.31 2.51
O3A AD9 B . 7.41 2.71 2.63
O5' AD9 B . 9.69 3.78 1.95
C5' AD9 B . 10.47 4.36 3.08
C4' AD9 B . 11.87 4.66 2.61
O4' AD9 B . 12.37 3.54 1.77
C3' AD9 B . 11.97 5.86 1.67
O3' AD9 B . 12.03 7.11 2.40
C2' AD9 B . 13.26 5.60 0.89
O2' AD9 B . 14.43 5.97 1.67
C1' AD9 B . 13.25 4.04 0.72
N9 AD9 B . 12.79 3.58 -0.61
C8 AD9 B . 11.68 2.79 -0.96
N7 AD9 B . 11.57 2.58 -2.27
C5 AD9 B . 12.65 3.26 -2.84
C6 AD9 B . 13.11 3.44 -4.19
N6 AD9 B . 12.47 2.89 -5.26
N1 AD9 B . 14.25 4.21 -4.41
C2 AD9 B . 14.90 4.77 -3.36
C4 AD9 B . 13.41 3.90 -1.83
N3 AD9 B . 14.55 4.66 -2.05
MG MG C . 3.15 4.00 2.96
CH PBQ D . -13.13 14.38 17.27
CG PBQ D . -12.92 14.46 14.87
CD1 PBQ D . -12.19 14.04 13.65
CD2 PBQ D . -14.32 14.57 14.77
CE2 PBQ D . -15.12 14.62 15.92
CR PBQ D . -12.31 14.32 16.12
O PBQ D . -10.97 14.13 16.23
C3 PBQ D . -14.52 14.53 17.17
C7 PBQ D . -10.79 12.64 12.54
C8 PBQ D . -11.67 13.17 11.62
C9 PBQ D . -12.56 14.03 12.32
N11 PBQ D . -11.13 13.18 13.76
BR13 PBQ D . -16.99 14.80 15.76
BR14 PBQ D . -12.36 14.23 19.00
BR17 PBQ D . -14.04 14.92 11.58
BR18 PBQ D . -11.72 12.76 9.78
BR19 PBQ D . -9.38 11.43 12.28
#